data_8AYY
#
_entry.id   8AYY
#
_cell.length_a   1.00
_cell.length_b   1.00
_cell.length_c   1.00
_cell.angle_alpha   90.00
_cell.angle_beta   90.00
_cell.angle_gamma   90.00
#
_symmetry.space_group_name_H-M   'P 1'
#
loop_
_entity.id
_entity.type
_entity.pdbx_description
1 polymer 'Capsid protein, VP1'
2 polymer 'Capsid protein, VP0'
3 polymer 'Capsid protein, VP3'
4 non-polymer 3-{3,5-DIMETHYL-4-[3-(3-METHYL-ISOXAZOL-5-YL)-PROPOXY]-PHENYL}-5-TRIFLUOROMETHYL-[1,2,4]OXADIAZOLE
5 non-polymer GLUTATHIONE
#
loop_
_entity_poly.entity_id
_entity_poly.type
_entity_poly.pdbx_seq_one_letter_code
_entity_poly.pdbx_strand_id
1 'polypeptide(L)'
;GIEDLITEVAQGALTLSLPKQQDSLPDTKASGPAHSKEVPALTAVETGATNPLVPSDTVQTRHVIQRRSRSESTIESFFA
RGACVAIIEVDNEEPTTRAQKLFAMWRITYKDTVQLRRKLEFFTYSRFDMELTFVVTANFTNTNNGHALNQVYQIMYIPP
GAPTPKSWDDYTWQTSSNPSIFYTYGAAPARISVPYVGLANAYSHFYDGFAKVPLKTDANDQIGDSLYSAMTVDDFGVLA
IRVVNDHNPTKVTSKVRIYMKPKHVRVWCPRPPRAVPYYGPGVDYKDNLNPLSEKGLTTY
;
A
2 'polypeptide(L)'
;MGAQVSSQKVGAHENSNRAYGGSTINYTTINYYKDSASNAASKQDYSQDPSKFTEPLKDVLIKTAPALNSPNVEACGYSD
RVLQLTIGNSTITTQEAANSVVAYGRWPEFIRDDEANPVDQPTEPDVATCRFYTLDTVMWGKESKGWWWKLPDALRDMGL
FGQNMYYHYLGRSGYTVHVQCNASKFHQGALGVFAIPEYCLAGDSDKQRYTSYANANPGEKGGKFYSQFNRDTAVTSPKR
EFCPVDYLLGCGVLLGNAFVYPHQIINLRTNNSATIVLPYVNAMAIDSMVKHNNWGIAILPLSPLDFAQESSVEIPITVT
IAPMCSEFNGLRNVTAPKFQ
;
B
3 'polypeptide(L)'
;GLPVLNTPGSNQYLTSDNYQSPCAIPEFDVTPPIDIPGEVKNMMELAEIDTMIPLNLENTKRNTMDMYRVTLSDSADLSQ
PILCFSLSPASDPRLSHTMLGEVLNYYTHWAGSLKFTFLFCGSMMATGKILVAYAPPGAQPPTSRKEAMLGTHVIWDLGL
QSSCTMVVPWISNVTYRQTTQDSFTEGGYISMFYQTRIVVPLSTPKSMSMLGFVSACNDFSVRLLRDTTHISQSALPQ
;
C
#
# COMPACT_ATOMS: atom_id res chain seq x y z
N GLN A 66 -29.92 -15.13 14.11
CA GLN A 66 -28.46 -15.16 14.13
C GLN A 66 -27.89 -13.75 14.03
N ARG A 67 -26.56 -13.65 14.00
CA ARG A 67 -25.88 -12.38 13.83
C ARG A 67 -25.02 -12.44 12.57
N ARG A 68 -24.76 -11.26 12.01
CA ARG A 68 -24.04 -11.17 10.75
C ARG A 68 -22.61 -11.69 10.90
N SER A 69 -22.12 -12.34 9.86
CA SER A 69 -20.79 -12.95 9.84
C SER A 69 -19.88 -12.23 8.87
N ARG A 70 -18.59 -12.51 8.99
CA ARG A 70 -17.54 -11.92 8.15
C ARG A 70 -16.87 -13.00 7.30
N SER A 71 -17.65 -13.97 6.83
CA SER A 71 -17.08 -15.09 6.10
C SER A 71 -16.46 -14.65 4.78
N GLU A 72 -17.11 -13.74 4.07
CA GLU A 72 -16.69 -13.35 2.72
C GLU A 72 -15.63 -12.25 2.72
N SER A 73 -15.32 -11.66 3.86
CA SER A 73 -14.31 -10.62 3.96
C SER A 73 -12.93 -11.17 4.31
N THR A 74 -12.78 -12.49 4.38
CA THR A 74 -11.49 -13.08 4.67
C THR A 74 -10.54 -12.88 3.50
N ILE A 75 -9.25 -13.07 3.79
CA ILE A 75 -8.23 -12.92 2.76
C ILE A 75 -8.45 -13.94 1.65
N GLU A 76 -8.73 -15.19 2.03
CA GLU A 76 -8.94 -16.23 1.03
C GLU A 76 -10.13 -15.90 0.15
N SER A 77 -11.24 -15.46 0.74
CA SER A 77 -12.39 -15.06 -0.05
C SER A 77 -12.10 -13.80 -0.86
N PHE A 78 -11.30 -12.88 -0.31
CA PHE A 78 -10.96 -11.66 -1.02
C PHE A 78 -10.13 -11.94 -2.28
N PHE A 79 -9.33 -13.01 -2.27
CA PHE A 79 -8.52 -13.37 -3.43
C PHE A 79 -8.98 -14.63 -4.14
N ALA A 80 -10.23 -15.05 -3.94
CA ALA A 80 -10.73 -16.29 -4.55
C ALA A 80 -11.42 -16.02 -5.89
N ARG A 81 -10.72 -15.36 -6.80
CA ARG A 81 -11.25 -15.11 -8.13
C ARG A 81 -10.11 -15.13 -9.14
N GLY A 82 -10.41 -15.54 -10.36
CA GLY A 82 -9.43 -15.53 -11.42
C GLY A 82 -9.36 -14.16 -12.07
N ALA A 83 -8.14 -13.69 -12.33
CA ALA A 83 -7.91 -12.38 -12.91
C ALA A 83 -6.93 -12.51 -14.08
N CYS A 84 -7.23 -11.81 -15.17
CA CYS A 84 -6.37 -11.84 -16.34
C CYS A 84 -5.09 -11.06 -16.06
N VAL A 85 -3.97 -11.60 -16.55
CA VAL A 85 -2.67 -10.98 -16.36
C VAL A 85 -1.90 -10.90 -17.67
N ALA A 86 -2.35 -11.63 -18.70
CA ALA A 86 -1.58 -11.70 -19.93
C ALA A 86 -2.49 -12.04 -21.10
N ILE A 87 -2.33 -11.29 -22.18
CA ILE A 87 -2.92 -11.60 -23.49
C ILE A 87 -1.77 -11.71 -24.48
N ILE A 88 -1.64 -12.87 -25.11
CA ILE A 88 -0.48 -13.18 -25.95
C ILE A 88 -0.97 -13.59 -27.33
N GLU A 89 -0.34 -13.05 -28.37
CA GLU A 89 -0.72 -13.32 -29.75
C GLU A 89 0.26 -14.30 -30.38
N VAL A 90 -0.28 -15.30 -31.07
CA VAL A 90 0.54 -16.29 -31.78
C VAL A 90 -0.12 -16.57 -33.14
N ASP A 91 0.70 -16.60 -34.19
CA ASP A 91 0.22 -16.77 -35.55
C ASP A 91 0.79 -18.04 -36.16
N ASN A 92 -0.01 -18.66 -37.03
CA ASN A 92 0.43 -19.80 -37.83
C ASN A 92 0.32 -19.42 -39.29
N GLU A 93 1.44 -19.47 -40.00
CA GLU A 93 1.52 -19.06 -41.40
C GLU A 93 2.84 -19.58 -41.96
N GLU A 94 3.06 -19.33 -43.23
CA GLU A 94 4.30 -19.76 -43.89
C GLU A 94 5.47 -18.94 -43.37
N PRO A 95 6.54 -19.57 -42.89
CA PRO A 95 7.69 -18.78 -42.43
C PRO A 95 8.31 -17.99 -43.58
N THR A 96 8.80 -16.79 -43.25
CA THR A 96 9.39 -15.89 -44.24
C THR A 96 10.59 -15.19 -43.62
N THR A 97 11.30 -14.43 -44.45
CA THR A 97 12.51 -13.76 -43.98
C THR A 97 12.18 -12.70 -42.94
N ARG A 98 11.10 -11.96 -43.11
CA ARG A 98 10.79 -10.85 -42.23
C ARG A 98 10.24 -11.34 -40.90
N ALA A 99 10.06 -10.40 -39.97
CA ALA A 99 9.65 -10.75 -38.62
C ALA A 99 8.26 -11.39 -38.62
N GLN A 100 8.06 -12.31 -37.68
CA GLN A 100 6.80 -13.04 -37.58
C GLN A 100 6.56 -13.37 -36.11
N LYS A 101 5.34 -13.83 -35.83
CA LYS A 101 4.90 -14.20 -34.49
C LYS A 101 4.65 -15.70 -34.38
N LEU A 102 5.52 -16.51 -34.99
CA LEU A 102 5.33 -17.95 -34.97
C LEU A 102 5.42 -18.50 -33.56
N PHE A 103 6.20 -17.86 -32.69
CA PHE A 103 6.27 -18.25 -31.29
C PHE A 103 6.42 -16.98 -30.46
N ALA A 104 5.81 -17.00 -29.27
CA ALA A 104 5.80 -15.84 -28.39
C ALA A 104 6.43 -16.20 -27.05
N MET A 105 7.10 -15.22 -26.44
CA MET A 105 7.68 -15.37 -25.12
C MET A 105 7.20 -14.25 -24.22
N TRP A 106 6.62 -14.61 -23.09
CA TRP A 106 6.05 -13.66 -22.14
C TRP A 106 6.77 -13.76 -20.81
N ARG A 107 7.18 -12.62 -20.27
CA ARG A 107 7.83 -12.56 -18.98
C ARG A 107 6.78 -12.56 -17.87
N ILE A 108 6.96 -13.46 -16.89
CA ILE A 108 5.94 -13.66 -15.87
C ILE A 108 5.94 -12.49 -14.90
N THR A 109 4.76 -11.95 -14.64
CA THR A 109 4.57 -10.86 -13.69
C THR A 109 3.08 -10.59 -13.55
N TYR A 110 2.72 -9.90 -12.47
CA TYR A 110 1.35 -9.52 -12.20
C TYR A 110 1.10 -8.03 -12.38
N LYS A 111 2.09 -7.28 -12.88
CA LYS A 111 1.99 -5.85 -13.00
C LYS A 111 1.54 -5.38 -14.38
N ASP A 112 1.30 -6.31 -15.30
CA ASP A 112 0.80 -5.91 -16.62
C ASP A 112 -0.58 -5.27 -16.52
N THR A 113 -1.45 -5.83 -15.68
CA THR A 113 -2.77 -5.28 -15.44
C THR A 113 -2.77 -4.49 -14.14
N VAL A 114 -3.95 -4.02 -13.73
CA VAL A 114 -4.05 -3.09 -12.62
C VAL A 114 -4.99 -3.58 -11.51
N GLN A 115 -5.94 -4.46 -11.79
CA GLN A 115 -6.91 -4.87 -10.78
C GLN A 115 -6.26 -5.76 -9.73
N LEU A 116 -5.72 -6.91 -10.17
CA LEU A 116 -5.05 -7.80 -9.23
C LEU A 116 -3.86 -7.12 -8.58
N ARG A 117 -3.16 -6.27 -9.33
CA ARG A 117 -2.03 -5.54 -8.76
C ARG A 117 -2.49 -4.65 -7.61
N ARG A 118 -3.58 -3.89 -7.82
CA ARG A 118 -4.07 -3.01 -6.76
C ARG A 118 -4.57 -3.82 -5.57
N LYS A 119 -5.24 -4.95 -5.82
CA LYS A 119 -5.69 -5.78 -4.71
C LYS A 119 -4.51 -6.31 -3.90
N LEU A 120 -3.45 -6.74 -4.57
CA LEU A 120 -2.29 -7.29 -3.86
C LEU A 120 -1.53 -6.21 -3.11
N GLU A 121 -1.43 -5.01 -3.69
CA GLU A 121 -0.64 -3.95 -3.06
C GLU A 121 -1.30 -3.37 -1.81
N PHE A 122 -2.42 -3.92 -1.33
CA PHE A 122 -2.95 -3.55 -0.03
C PHE A 122 -2.04 -3.98 1.11
N PHE A 123 -1.07 -4.86 0.84
CA PHE A 123 -0.19 -5.40 1.86
C PHE A 123 1.25 -5.34 1.37
N THR A 124 2.18 -5.33 2.32
CA THR A 124 3.60 -5.26 1.99
C THR A 124 4.20 -6.63 1.70
N TYR A 125 3.83 -7.65 2.46
CA TYR A 125 4.38 -8.99 2.27
C TYR A 125 3.25 -9.99 2.08
N SER A 126 3.53 -11.03 1.29
CA SER A 126 2.52 -12.04 0.97
C SER A 126 3.19 -13.40 0.80
N ARG A 127 2.37 -14.45 0.91
CA ARG A 127 2.81 -15.81 0.74
C ARG A 127 1.61 -16.64 0.29
N PHE A 128 1.70 -17.24 -0.89
CA PHE A 128 0.56 -17.96 -1.45
C PHE A 128 1.02 -18.91 -2.54
N ASP A 129 0.14 -19.85 -2.88
CA ASP A 129 0.26 -20.67 -4.07
C ASP A 129 -0.61 -20.10 -5.18
N MET A 130 -0.47 -20.64 -6.38
CA MET A 130 -1.08 -20.06 -7.57
C MET A 130 -1.84 -21.12 -8.36
N GLU A 131 -2.92 -20.69 -9.01
CA GLU A 131 -3.64 -21.51 -9.98
C GLU A 131 -3.73 -20.73 -11.28
N LEU A 132 -3.27 -21.33 -12.37
CA LEU A 132 -3.25 -20.69 -13.67
C LEU A 132 -4.21 -21.39 -14.62
N THR A 133 -4.95 -20.59 -15.39
CA THR A 133 -5.88 -21.09 -16.39
C THR A 133 -5.62 -20.37 -17.71
N PHE A 134 -5.74 -21.11 -18.80
CA PHE A 134 -5.43 -20.62 -20.14
C PHE A 134 -6.64 -20.78 -21.03
N VAL A 135 -7.04 -19.69 -21.69
CA VAL A 135 -8.15 -19.67 -22.63
C VAL A 135 -7.62 -19.25 -23.99
N VAL A 136 -7.89 -20.05 -25.02
CA VAL A 136 -7.34 -19.86 -26.34
C VAL A 136 -8.47 -19.58 -27.32
N THR A 137 -8.30 -18.55 -28.14
CA THR A 137 -9.29 -18.18 -29.16
C THR A 137 -8.58 -17.91 -30.47
N ALA A 138 -9.05 -18.55 -31.54
CA ALA A 138 -8.42 -18.46 -32.85
C ALA A 138 -9.39 -17.90 -33.88
N ASN A 139 -8.81 -17.36 -34.96
CA ASN A 139 -9.61 -16.79 -36.04
C ASN A 139 -8.78 -16.75 -37.31
N PHE A 140 -9.48 -16.55 -38.43
CA PHE A 140 -8.85 -16.38 -39.73
C PHE A 140 -8.51 -14.91 -39.97
N THR A 141 -7.78 -14.66 -41.05
CA THR A 141 -7.42 -13.32 -41.47
C THR A 141 -7.85 -13.00 -42.90
N ASN A 142 -7.73 -13.95 -43.81
CA ASN A 142 -8.12 -13.79 -45.20
C ASN A 142 -9.20 -14.82 -45.54
N THR A 143 -9.75 -14.72 -46.75
CA THR A 143 -10.84 -15.60 -47.16
C THR A 143 -10.65 -16.16 -48.56
N ASN A 144 -9.43 -16.11 -49.11
CA ASN A 144 -9.15 -16.60 -50.45
C ASN A 144 -7.86 -17.41 -50.46
N ASN A 145 -7.67 -18.25 -49.45
CA ASN A 145 -6.49 -19.10 -49.34
C ASN A 145 -6.80 -20.54 -48.97
N GLY A 146 -8.00 -20.84 -48.50
CA GLY A 146 -8.35 -22.19 -48.11
C GLY A 146 -8.85 -22.27 -46.68
N HIS A 147 -8.71 -23.45 -46.07
CA HIS A 147 -9.13 -23.68 -44.69
C HIS A 147 -8.01 -24.39 -43.95
N ALA A 148 -8.25 -24.67 -42.67
CA ALA A 148 -7.24 -25.24 -41.80
C ALA A 148 -7.87 -26.31 -40.92
N LEU A 149 -7.03 -27.23 -40.46
CA LEU A 149 -7.43 -28.26 -39.52
C LEU A 149 -7.14 -27.79 -38.08
N ASN A 150 -7.72 -28.51 -37.12
CA ASN A 150 -7.58 -28.12 -35.73
C ASN A 150 -6.12 -28.11 -35.31
N GLN A 151 -5.74 -27.09 -34.56
CA GLN A 151 -4.35 -26.85 -34.19
C GLN A 151 -4.08 -27.27 -32.75
N VAL A 152 -2.81 -27.53 -32.47
CA VAL A 152 -2.34 -27.90 -31.14
C VAL A 152 -1.33 -26.86 -30.69
N TYR A 153 -1.48 -26.37 -29.46
CA TYR A 153 -0.63 -25.33 -28.91
C TYR A 153 0.27 -25.92 -27.84
N GLN A 154 1.53 -25.50 -27.84
CA GLN A 154 2.51 -25.92 -26.84
C GLN A 154 2.91 -24.73 -25.99
N ILE A 155 2.82 -24.90 -24.67
CA ILE A 155 3.20 -23.88 -23.70
C ILE A 155 4.28 -24.46 -22.80
N MET A 156 5.45 -23.83 -22.81
CA MET A 156 6.61 -24.32 -22.06
C MET A 156 7.07 -23.25 -21.08
N TYR A 157 7.44 -23.70 -19.88
CA TYR A 157 7.93 -22.81 -18.84
C TYR A 157 9.46 -22.86 -18.82
N ILE A 158 10.09 -21.71 -18.96
CA ILE A 158 11.55 -21.61 -19.00
C ILE A 158 12.03 -20.86 -17.76
N PRO A 159 12.59 -21.55 -16.77
CA PRO A 159 13.11 -20.86 -15.59
C PRO A 159 14.39 -20.11 -15.93
N PRO A 160 14.84 -19.22 -15.05
CA PRO A 160 16.09 -18.49 -15.32
C PRO A 160 17.26 -19.44 -15.50
N GLY A 161 18.11 -19.14 -16.47
CA GLY A 161 19.28 -19.93 -16.78
C GLY A 161 19.07 -21.01 -17.81
N ALA A 162 17.83 -21.40 -18.06
CA ALA A 162 17.57 -22.41 -19.09
C ALA A 162 17.64 -21.79 -20.48
N PRO A 163 18.01 -22.58 -21.48
CA PRO A 163 18.11 -22.03 -22.84
C PRO A 163 16.75 -21.58 -23.36
N THR A 164 16.77 -20.52 -24.17
CA THR A 164 15.56 -19.96 -24.74
C THR A 164 15.48 -20.26 -26.23
N PRO A 165 14.27 -20.45 -26.76
CA PRO A 165 14.15 -20.73 -28.20
C PRO A 165 14.57 -19.54 -29.05
N LYS A 166 15.13 -19.86 -30.22
CA LYS A 166 15.36 -18.87 -31.25
C LYS A 166 14.54 -19.13 -32.51
N SER A 167 13.80 -20.22 -32.57
CA SER A 167 12.90 -20.52 -33.67
C SER A 167 11.79 -21.41 -33.15
N TRP A 168 10.71 -21.50 -33.94
CA TRP A 168 9.55 -22.27 -33.52
C TRP A 168 9.78 -23.77 -33.55
N ASP A 169 10.90 -24.24 -34.12
CA ASP A 169 11.15 -25.67 -34.25
C ASP A 169 12.60 -26.02 -33.88
N ASP A 170 13.16 -25.34 -32.88
CA ASP A 170 14.50 -25.66 -32.43
C ASP A 170 14.47 -26.76 -31.37
N TYR A 171 15.66 -27.22 -31.00
CA TYR A 171 15.78 -28.34 -30.07
C TYR A 171 15.18 -28.02 -28.70
N THR A 172 15.12 -26.75 -28.33
CA THR A 172 14.67 -26.38 -26.99
C THR A 172 13.27 -26.88 -26.68
N TRP A 173 12.46 -27.16 -27.71
CA TRP A 173 11.10 -27.62 -27.50
C TRP A 173 11.02 -29.08 -27.10
N GLN A 174 12.14 -29.81 -27.07
CA GLN A 174 12.12 -31.18 -26.59
C GLN A 174 11.64 -31.29 -25.16
N THR A 175 11.74 -30.21 -24.38
CA THR A 175 11.23 -30.14 -23.02
C THR A 175 11.53 -31.42 -22.24
N SER A 176 12.81 -31.80 -22.23
CA SER A 176 13.21 -32.99 -21.49
C SER A 176 13.06 -32.80 -19.98
N SER A 177 13.26 -31.57 -19.50
CA SER A 177 13.17 -31.31 -18.07
C SER A 177 12.16 -30.19 -17.77
N ASN A 178 12.04 -29.25 -18.68
CA ASN A 178 11.09 -28.16 -18.48
C ASN A 178 9.66 -28.66 -18.61
N PRO A 179 8.76 -28.31 -17.69
CA PRO A 179 7.37 -28.71 -17.84
C PRO A 179 6.71 -28.03 -19.03
N SER A 180 5.76 -28.73 -19.63
CA SER A 180 5.07 -28.21 -20.80
C SER A 180 3.63 -28.72 -20.82
N ILE A 181 2.78 -27.95 -21.48
CA ILE A 181 1.37 -28.28 -21.67
C ILE A 181 1.07 -28.29 -23.16
N PHE A 182 0.42 -29.35 -23.62
CA PHE A 182 -0.10 -29.46 -24.97
C PHE A 182 -1.61 -29.32 -24.93
N TYR A 183 -2.14 -28.31 -25.62
CA TYR A 183 -3.56 -27.99 -25.59
C TYR A 183 -4.15 -28.16 -26.99
N THR A 184 -5.31 -28.79 -27.05
CA THR A 184 -6.03 -29.01 -28.30
C THR A 184 -7.18 -28.02 -28.40
N TYR A 185 -7.22 -27.28 -29.50
CA TYR A 185 -8.23 -26.23 -29.66
C TYR A 185 -9.63 -26.84 -29.63
N GLY A 186 -10.55 -26.12 -28.99
CA GLY A 186 -11.92 -26.57 -28.84
C GLY A 186 -12.21 -27.34 -27.57
N ALA A 187 -11.18 -27.71 -26.81
CA ALA A 187 -11.36 -28.42 -25.55
C ALA A 187 -11.51 -27.42 -24.42
N ALA A 188 -11.62 -27.95 -23.20
CA ALA A 188 -11.77 -27.09 -22.03
C ALA A 188 -10.51 -26.27 -21.82
N PRO A 189 -10.63 -25.06 -21.27
CA PRO A 189 -9.44 -24.24 -21.02
C PRO A 189 -8.44 -24.97 -20.14
N ALA A 190 -7.16 -24.78 -20.45
CA ALA A 190 -6.12 -25.50 -19.73
C ALA A 190 -5.99 -24.94 -18.32
N ARG A 191 -5.48 -25.78 -17.40
CA ARG A 191 -5.34 -25.37 -16.02
C ARG A 191 -4.20 -26.13 -15.36
N ILE A 192 -3.44 -25.43 -14.50
CA ILE A 192 -2.39 -26.04 -13.71
C ILE A 192 -2.27 -25.28 -12.39
N SER A 193 -1.50 -25.84 -11.46
CA SER A 193 -1.27 -25.23 -10.15
C SER A 193 0.23 -25.16 -9.87
N VAL A 194 0.61 -24.15 -9.11
CA VAL A 194 2.02 -23.89 -8.80
C VAL A 194 2.14 -23.63 -7.30
N PRO A 195 3.17 -24.15 -6.63
CA PRO A 195 3.36 -23.88 -5.21
C PRO A 195 4.08 -22.56 -4.98
N TYR A 196 4.35 -22.26 -3.72
CA TYR A 196 5.13 -21.07 -3.37
C TYR A 196 6.60 -21.33 -3.69
N VAL A 197 7.17 -20.49 -4.55
CA VAL A 197 8.52 -20.70 -5.07
C VAL A 197 9.40 -19.52 -4.73
N GLY A 198 9.13 -18.86 -3.62
CA GLY A 198 9.92 -17.70 -3.22
C GLY A 198 11.24 -18.10 -2.59
N LEU A 199 12.30 -17.40 -2.99
CA LEU A 199 13.62 -17.65 -2.42
C LEU A 199 13.63 -17.32 -0.94
N ALA A 200 13.00 -16.22 -0.55
CA ALA A 200 12.92 -15.81 0.85
C ALA A 200 11.71 -16.47 1.50
N ASN A 201 11.38 -16.04 2.72
CA ASN A 201 10.26 -16.60 3.46
C ASN A 201 8.92 -16.02 3.02
N ALA A 202 8.91 -14.94 2.26
CA ALA A 202 7.67 -14.37 1.76
C ALA A 202 7.97 -13.50 0.54
N TYR A 203 6.96 -13.30 -0.28
CA TYR A 203 7.08 -12.40 -1.42
C TYR A 203 7.09 -10.96 -0.94
N SER A 204 7.89 -10.13 -1.62
CA SER A 204 8.04 -8.71 -1.27
C SER A 204 7.45 -7.88 -2.40
N HIS A 205 6.27 -7.31 -2.17
CA HIS A 205 5.65 -6.43 -3.14
C HIS A 205 6.37 -5.09 -3.25
N PHE A 206 7.05 -4.66 -2.18
CA PHE A 206 7.80 -3.42 -2.14
C PHE A 206 9.18 -3.69 -1.59
N TYR A 207 10.20 -3.15 -2.25
CA TYR A 207 11.59 -3.35 -1.85
C TYR A 207 12.32 -2.02 -1.96
N ASP A 208 12.64 -1.41 -0.82
CA ASP A 208 13.33 -0.13 -0.78
C ASP A 208 14.82 -0.39 -0.70
N GLY A 209 15.46 -0.47 -1.87
CA GLY A 209 16.88 -0.73 -1.91
C GLY A 209 17.34 -1.00 -3.33
N PHE A 210 18.58 -1.45 -3.44
CA PHE A 210 19.22 -1.73 -4.71
C PHE A 210 19.81 -3.14 -4.68
N ALA A 211 20.32 -3.57 -5.83
CA ALA A 211 21.03 -4.83 -5.94
C ALA A 211 22.55 -4.67 -5.95
N LYS A 212 23.04 -3.46 -6.22
CA LYS A 212 24.46 -3.16 -6.20
C LYS A 212 24.70 -1.87 -5.43
N VAL A 213 25.91 -1.76 -4.88
CA VAL A 213 26.34 -0.58 -4.13
C VAL A 213 27.60 -0.04 -4.78
N PRO A 214 27.60 1.17 -5.34
CA PRO A 214 28.83 1.70 -5.92
C PRO A 214 29.89 1.92 -4.85
N LEU A 215 31.15 1.74 -5.24
CA LEU A 215 32.28 1.83 -4.33
C LEU A 215 33.27 2.87 -4.84
N LYS A 216 34.00 3.48 -3.90
CA LYS A 216 34.98 4.50 -4.25
C LYS A 216 36.08 3.92 -5.12
N THR A 217 36.41 2.64 -4.95
CA THR A 217 37.49 2.02 -5.70
C THR A 217 37.05 1.50 -7.07
N ASP A 218 35.77 1.61 -7.41
CA ASP A 218 35.30 1.15 -8.71
C ASP A 218 35.92 1.99 -9.82
N ALA A 219 36.26 1.32 -10.93
CA ALA A 219 36.91 2.01 -12.05
C ALA A 219 35.99 3.06 -12.65
N ASN A 220 34.71 2.72 -12.84
CA ASN A 220 33.74 3.63 -13.42
C ASN A 220 32.45 3.58 -12.60
N ASP A 221 31.53 4.50 -12.93
CA ASP A 221 30.28 4.60 -12.21
C ASP A 221 29.23 3.58 -12.64
N GLN A 222 29.45 2.90 -13.77
CA GLN A 222 28.47 1.93 -14.26
C GLN A 222 28.64 0.55 -13.62
N ILE A 223 29.73 0.31 -12.89
CA ILE A 223 29.92 -0.98 -12.25
C ILE A 223 28.86 -1.21 -11.19
N GLY A 224 28.59 -0.19 -10.37
CA GLY A 224 27.65 -0.28 -9.28
C GLY A 224 26.28 0.30 -9.54
N ASP A 225 25.95 0.64 -10.78
CA ASP A 225 24.66 1.21 -11.10
C ASP A 225 23.60 0.12 -11.22
N SER A 226 22.44 0.37 -10.64
CA SER A 226 21.33 -0.58 -10.70
C SER A 226 20.03 0.19 -10.54
N LEU A 227 18.94 -0.46 -10.94
CA LEU A 227 17.62 0.14 -10.87
C LEU A 227 17.12 0.16 -9.42
N TYR A 228 16.42 1.23 -9.08
CA TYR A 228 15.89 1.39 -7.73
C TYR A 228 14.64 0.53 -7.55
N SER A 229 14.57 -0.17 -6.41
CA SER A 229 13.41 -0.99 -6.05
C SER A 229 13.28 -2.21 -6.96
N ALA A 230 14.40 -2.87 -7.24
CA ALA A 230 14.42 -4.09 -8.02
C ALA A 230 15.37 -5.08 -7.40
N MET A 231 14.96 -6.35 -7.36
CA MET A 231 15.78 -7.41 -6.78
C MET A 231 16.63 -8.12 -7.83
N THR A 232 15.98 -8.73 -8.82
CA THR A 232 16.64 -9.56 -9.81
C THR A 232 16.23 -9.14 -11.20
N VAL A 233 17.17 -9.23 -12.15
CA VAL A 233 16.87 -8.91 -13.53
C VAL A 233 15.86 -9.91 -14.10
N ASP A 234 16.06 -11.19 -13.83
CA ASP A 234 15.17 -12.25 -14.28
C ASP A 234 14.55 -12.89 -13.05
N ASP A 235 13.23 -12.87 -12.97
CA ASP A 235 12.49 -13.47 -11.86
C ASP A 235 11.36 -14.33 -12.42
N PHE A 236 11.26 -15.56 -11.91
CA PHE A 236 10.19 -16.51 -12.20
C PHE A 236 10.24 -17.05 -13.62
N GLY A 237 11.22 -16.65 -14.43
CA GLY A 237 11.32 -17.20 -15.77
C GLY A 237 10.29 -16.61 -16.72
N VAL A 238 10.07 -17.33 -17.83
CA VAL A 238 9.18 -16.88 -18.90
C VAL A 238 8.34 -18.07 -19.36
N LEU A 239 7.34 -17.76 -20.18
CA LEU A 239 6.51 -18.76 -20.83
C LEU A 239 6.64 -18.60 -22.35
N ALA A 240 6.90 -19.70 -23.03
CA ALA A 240 7.02 -19.72 -24.49
C ALA A 240 5.86 -20.51 -25.07
N ILE A 241 5.14 -19.89 -26.00
CA ILE A 241 3.95 -20.48 -26.61
C ILE A 241 4.17 -20.57 -28.11
N ARG A 242 3.86 -21.75 -28.67
CA ARG A 242 3.96 -21.96 -30.11
C ARG A 242 2.79 -22.82 -30.59
N VAL A 243 2.62 -22.85 -31.90
CA VAL A 243 1.67 -23.75 -32.56
C VAL A 243 2.47 -24.92 -33.14
N VAL A 244 2.17 -26.12 -32.67
CA VAL A 244 2.94 -27.29 -33.08
C VAL A 244 2.70 -27.62 -34.55
N ASN A 245 1.47 -27.44 -35.01
CA ASN A 245 1.14 -27.82 -36.37
C ASN A 245 1.92 -26.99 -37.38
N ASP A 246 2.15 -27.57 -38.55
CA ASP A 246 2.76 -26.84 -39.65
C ASP A 246 1.78 -25.79 -40.18
N HIS A 247 2.23 -25.05 -41.19
CA HIS A 247 1.45 -23.92 -41.70
C HIS A 247 0.52 -24.37 -42.82
N ASN A 248 -0.75 -24.04 -42.66
CA ASN A 248 -1.71 -24.20 -43.74
C ASN A 248 -1.53 -23.07 -44.76
N PRO A 249 -2.07 -23.23 -45.96
CA PRO A 249 -1.97 -22.15 -46.96
C PRO A 249 -2.60 -20.85 -46.50
N THR A 250 -3.53 -20.89 -45.53
CA THR A 250 -4.17 -19.70 -45.01
C THR A 250 -3.65 -19.38 -43.61
N LYS A 251 -3.39 -18.11 -43.36
CA LYS A 251 -2.90 -17.67 -42.06
C LYS A 251 -3.98 -17.80 -41.01
N VAL A 252 -3.59 -18.16 -39.79
CA VAL A 252 -4.50 -18.28 -38.67
C VAL A 252 -3.89 -17.56 -37.46
N THR A 253 -4.66 -16.64 -36.87
CA THR A 253 -4.21 -15.92 -35.68
C THR A 253 -4.88 -16.50 -34.45
N SER A 254 -4.21 -16.36 -33.31
CA SER A 254 -4.73 -16.89 -32.06
C SER A 254 -4.27 -16.02 -30.90
N LYS A 255 -5.11 -15.95 -29.87
CA LYS A 255 -4.82 -15.23 -28.65
C LYS A 255 -4.97 -16.18 -27.46
N VAL A 256 -4.00 -16.12 -26.56
CA VAL A 256 -4.01 -16.88 -25.31
C VAL A 256 -4.17 -15.89 -24.17
N ARG A 257 -5.19 -16.10 -23.35
CA ARG A 257 -5.46 -15.28 -22.18
C ARG A 257 -5.16 -16.11 -20.93
N ILE A 258 -4.37 -15.53 -20.03
CA ILE A 258 -3.93 -16.21 -18.81
C ILE A 258 -4.65 -15.60 -17.63
N TYR A 259 -5.26 -16.45 -16.80
CA TYR A 259 -5.98 -16.04 -15.61
C TYR A 259 -5.32 -16.66 -14.39
N MET A 260 -5.12 -15.86 -13.35
CA MET A 260 -4.36 -16.23 -12.16
C MET A 260 -5.26 -16.12 -10.93
N LYS A 261 -5.20 -17.14 -10.07
CA LYS A 261 -5.96 -17.13 -8.82
C LYS A 261 -5.02 -17.50 -7.67
N PRO A 262 -4.77 -16.60 -6.73
CA PRO A 262 -4.03 -17.00 -5.52
C PRO A 262 -4.82 -17.95 -4.66
N LYS A 263 -4.10 -18.81 -3.95
CA LYS A 263 -4.69 -19.78 -3.03
C LYS A 263 -3.79 -19.91 -1.82
N HIS A 264 -4.39 -20.24 -0.67
CA HIS A 264 -3.67 -20.39 0.58
C HIS A 264 -2.84 -19.13 0.87
N VAL A 265 -3.54 -18.03 1.04
CA VAL A 265 -2.94 -16.69 1.07
C VAL A 265 -2.70 -16.25 2.51
N ARG A 266 -1.51 -15.71 2.75
CA ARG A 266 -1.18 -15.02 3.99
C ARG A 266 -0.52 -13.70 3.65
N VAL A 267 -0.83 -12.66 4.42
CA VAL A 267 -0.36 -11.31 4.14
C VAL A 267 0.13 -10.64 5.42
N TRP A 268 0.96 -9.62 5.24
CA TRP A 268 1.55 -8.89 6.35
C TRP A 268 1.74 -7.43 5.96
N CYS A 269 1.64 -6.56 6.97
CA CYS A 269 1.89 -5.12 6.86
C CYS A 269 0.93 -4.43 5.90
N PRO A 270 -0.33 -4.23 6.31
CA PRO A 270 -1.30 -3.57 5.43
C PRO A 270 -0.83 -2.20 5.00
N ARG A 271 -1.21 -1.82 3.78
CA ARG A 271 -0.73 -0.63 3.13
C ARG A 271 -1.89 0.11 2.45
N PRO A 272 -1.87 1.44 2.45
CA PRO A 272 -2.95 2.16 1.79
C PRO A 272 -2.95 1.88 0.30
N PRO A 273 -4.13 1.88 -0.32
CA PRO A 273 -4.20 1.52 -1.75
C PRO A 273 -3.77 2.66 -2.66
N ARG A 274 -3.47 2.28 -3.90
CA ARG A 274 -3.10 3.26 -4.92
C ARG A 274 -4.27 4.20 -5.20
N ALA A 275 -3.95 5.49 -5.31
CA ALA A 275 -4.94 6.52 -5.56
C ALA A 275 -4.79 7.20 -6.91
N VAL A 276 -3.67 7.02 -7.59
CA VAL A 276 -3.44 7.64 -8.89
C VAL A 276 -2.99 6.56 -9.86
N PRO A 277 -3.13 6.81 -11.17
CA PRO A 277 -2.82 5.77 -12.15
C PRO A 277 -1.37 5.29 -12.02
N TYR A 278 -1.18 3.99 -12.22
CA TYR A 278 0.15 3.42 -12.19
C TYR A 278 0.98 3.94 -13.36
N TYR A 279 2.30 4.01 -13.14
CA TYR A 279 3.25 4.42 -14.18
C TYR A 279 4.50 3.56 -14.01
N GLY A 280 4.53 2.43 -14.72
CA GLY A 280 5.66 1.54 -14.67
C GLY A 280 5.60 0.57 -13.50
N PRO A 281 6.58 -0.34 -13.42
CA PRO A 281 6.59 -1.31 -12.32
C PRO A 281 6.72 -0.68 -10.94
N GLY A 282 7.25 0.54 -10.85
CA GLY A 282 7.50 1.17 -9.58
C GLY A 282 6.33 1.97 -9.07
N VAL A 283 6.62 2.85 -8.11
CA VAL A 283 5.61 3.69 -7.48
C VAL A 283 5.55 5.08 -8.12
N ASP A 284 6.19 5.26 -9.27
CA ASP A 284 6.24 6.57 -9.90
C ASP A 284 4.86 6.97 -10.41
N TYR A 285 4.63 8.28 -10.44
CA TYR A 285 3.40 8.87 -10.95
C TYR A 285 3.73 10.00 -11.90
N LYS A 286 2.97 10.11 -12.99
CA LYS A 286 3.21 11.10 -14.02
C LYS A 286 2.03 12.04 -14.24
N ASP A 287 0.82 11.51 -14.39
CA ASP A 287 -0.33 12.30 -14.79
C ASP A 287 -1.54 11.96 -13.93
N ASN A 288 -2.54 12.83 -14.00
CA ASN A 288 -3.81 12.65 -13.29
C ASN A 288 -3.57 12.53 -11.79
N LEU A 289 -3.06 13.62 -11.21
CA LEU A 289 -2.77 13.71 -9.79
C LEU A 289 -3.85 14.47 -9.02
N ASN A 290 -5.06 14.55 -9.56
CA ASN A 290 -6.17 15.26 -8.95
C ASN A 290 -7.39 14.34 -8.91
N PRO A 291 -7.37 13.32 -8.04
CA PRO A 291 -8.46 12.34 -8.07
C PRO A 291 -9.76 12.83 -7.48
N LEU A 292 -9.71 13.60 -6.39
CA LEU A 292 -10.92 13.98 -5.68
C LEU A 292 -11.67 15.08 -6.45
N SER A 293 -12.99 15.10 -6.27
CA SER A 293 -13.87 16.04 -6.96
C SER A 293 -14.30 17.15 -5.99
N GLU A 294 -15.12 18.06 -6.51
CA GLU A 294 -15.57 19.21 -5.75
C GLU A 294 -16.84 18.89 -4.98
N LYS A 295 -16.99 19.53 -3.83
CA LYS A 295 -18.18 19.38 -3.00
C LYS A 295 -18.24 20.54 -2.01
N GLY A 296 -19.45 20.85 -1.56
CA GLY A 296 -19.64 21.94 -0.64
C GLY A 296 -19.37 21.53 0.80
N LEU A 297 -18.77 22.46 1.56
CA LEU A 297 -18.46 22.18 2.95
C LEU A 297 -19.73 21.94 3.76
N THR A 298 -20.77 22.77 3.54
CA THR A 298 -22.04 22.66 4.24
C THR A 298 -23.14 22.13 3.33
N THR A 299 -22.79 21.24 2.41
CA THR A 299 -23.74 20.64 1.48
C THR A 299 -23.87 19.16 1.76
N TYR A 300 -25.10 18.70 1.97
CA TYR A 300 -25.35 17.29 2.26
C TYR A 300 -25.16 16.45 1.01
N ASN B 26 -22.46 -33.76 6.12
CA ASN B 26 -21.67 -32.73 5.44
C ASN B 26 -21.23 -33.20 4.07
N TYR B 27 -20.76 -32.27 3.24
CA TYR B 27 -20.31 -32.61 1.91
C TYR B 27 -19.05 -33.45 1.95
N THR B 28 -18.92 -34.36 0.99
CA THR B 28 -17.78 -35.26 0.93
C THR B 28 -16.69 -34.67 0.05
N THR B 29 -15.44 -34.85 0.47
CA THR B 29 -14.29 -34.34 -0.27
C THR B 29 -13.10 -35.25 -0.03
N ILE B 30 -12.43 -35.65 -1.12
CA ILE B 30 -11.20 -36.43 -1.05
C ILE B 30 -10.17 -35.77 -1.96
N ASN B 31 -8.97 -35.55 -1.44
CA ASN B 31 -7.88 -34.98 -2.22
C ASN B 31 -7.15 -36.10 -2.96
N TYR B 32 -6.98 -35.92 -4.27
CA TYR B 32 -6.42 -36.95 -5.13
C TYR B 32 -4.91 -36.80 -5.30
N TYR B 33 -4.46 -35.59 -5.64
CA TYR B 33 -3.05 -35.38 -5.97
C TYR B 33 -2.19 -35.41 -4.71
N LYS B 34 -0.92 -35.75 -4.90
CA LYS B 34 0.03 -35.86 -3.80
C LYS B 34 0.52 -34.50 -3.31
N ASP B 35 0.33 -33.44 -4.08
CA ASP B 35 0.87 -32.12 -3.76
C ASP B 35 -0.18 -31.28 -3.05
N SER B 36 0.27 -30.49 -2.06
CA SER B 36 -0.64 -29.61 -1.34
C SER B 36 -1.17 -28.51 -2.23
N ALA B 37 -0.37 -28.01 -3.17
CA ALA B 37 -0.82 -26.94 -4.05
C ALA B 37 -2.02 -27.38 -4.87
N SER B 38 -2.02 -28.64 -5.34
CA SER B 38 -3.13 -29.14 -6.13
C SER B 38 -4.44 -29.13 -5.36
N ASN B 39 -4.39 -29.15 -4.03
CA ASN B 39 -5.60 -29.23 -3.23
C ASN B 39 -6.46 -27.98 -3.43
N ALA B 40 -7.77 -28.19 -3.49
CA ALA B 40 -8.70 -27.08 -3.62
C ALA B 40 -8.69 -26.22 -2.35
N ALA B 41 -8.86 -24.92 -2.55
CA ALA B 41 -8.84 -23.98 -1.43
C ALA B 41 -10.25 -23.75 -0.90
N LEU B 83 7.96 10.51 32.05
CA LEU B 83 8.72 9.33 32.44
C LEU B 83 10.09 9.34 31.78
N GLN B 84 11.01 8.53 32.31
CA GLN B 84 12.38 8.47 31.82
C GLN B 84 12.65 7.09 31.22
N LEU B 85 13.26 7.07 30.04
CA LEU B 85 13.70 5.85 29.38
C LEU B 85 15.22 5.86 29.29
N THR B 86 15.85 4.80 29.77
CA THR B 86 17.30 4.67 29.79
C THR B 86 17.71 3.47 28.95
N ILE B 87 18.63 3.70 28.01
CA ILE B 87 19.20 2.64 27.19
C ILE B 87 20.71 2.85 27.16
N GLY B 88 21.44 1.81 27.55
CA GLY B 88 22.89 1.92 27.57
C GLY B 88 23.32 3.08 28.46
N ASN B 89 24.15 3.96 27.91
CA ASN B 89 24.62 5.15 28.61
C ASN B 89 23.86 6.40 28.20
N SER B 90 22.57 6.26 27.87
CA SER B 90 21.74 7.38 27.45
C SER B 90 20.42 7.33 28.20
N THR B 91 19.89 8.51 28.51
CA THR B 91 18.63 8.64 29.23
C THR B 91 17.85 9.82 28.67
N ILE B 92 16.56 9.62 28.46
CA ILE B 92 15.67 10.68 27.96
C ILE B 92 14.49 10.79 28.90
N THR B 93 14.21 12.00 29.37
CA THR B 93 13.10 12.26 30.25
C THR B 93 12.07 13.18 29.59
N ASN B 99 1.84 8.63 25.76
CA ASN B 99 2.45 7.34 26.03
C ASN B 99 3.11 6.79 24.77
N SER B 100 4.06 5.87 24.95
CA SER B 100 4.79 5.32 23.83
C SER B 100 3.91 4.38 23.01
N VAL B 101 4.31 4.18 21.75
CA VAL B 101 3.59 3.33 20.82
C VAL B 101 4.54 2.23 20.35
N VAL B 102 4.06 0.99 20.40
CA VAL B 102 4.81 -0.18 19.94
C VAL B 102 4.18 -0.64 18.63
N ALA B 103 4.99 -0.69 17.57
CA ALA B 103 4.47 -1.03 16.26
C ALA B 103 4.02 -2.49 16.22
N TYR B 104 2.78 -2.70 15.79
CA TYR B 104 2.20 -4.04 15.65
C TYR B 104 2.22 -4.83 16.95
N GLY B 105 2.42 -4.15 18.08
CA GLY B 105 2.46 -4.84 19.36
C GLY B 105 3.53 -5.90 19.45
N ARG B 106 4.70 -5.64 18.86
CA ARG B 106 5.81 -6.58 18.85
C ARG B 106 7.08 -5.88 19.28
N TRP B 107 7.64 -6.30 20.41
CA TRP B 107 8.88 -5.73 20.91
C TRP B 107 10.07 -6.30 20.14
N PRO B 108 11.12 -5.51 19.94
CA PRO B 108 12.32 -6.04 19.28
C PRO B 108 12.89 -7.22 20.03
N GLU B 109 13.41 -8.19 19.27
CA GLU B 109 13.96 -9.41 19.84
C GLU B 109 15.07 -9.92 18.95
N PHE B 110 15.92 -10.76 19.54
CA PHE B 110 17.00 -11.40 18.80
C PHE B 110 16.45 -12.55 17.96
N ILE B 111 17.29 -13.04 17.04
CA ILE B 111 16.89 -14.17 16.21
C ILE B 111 16.62 -15.40 17.08
N ARG B 112 15.65 -16.19 16.68
CA ARG B 112 15.24 -17.37 17.44
C ARG B 112 16.25 -18.50 17.22
N ASP B 113 16.01 -19.62 17.89
CA ASP B 113 16.89 -20.78 17.71
C ASP B 113 16.84 -21.29 16.28
N ASP B 114 15.65 -21.33 15.68
CA ASP B 114 15.50 -21.77 14.30
C ASP B 114 15.87 -20.64 13.35
N ASP B 120 28.40 -19.92 11.73
CA ASP B 120 28.81 -18.53 11.76
C ASP B 120 28.26 -17.84 13.01
N GLN B 121 29.17 -17.40 13.87
CA GLN B 121 28.77 -16.78 15.14
C GLN B 121 28.45 -15.31 14.93
N PRO B 122 27.22 -14.86 15.20
CA PRO B 122 26.92 -13.43 15.08
C PRO B 122 27.65 -12.61 16.13
N THR B 123 27.89 -11.34 15.77
CA THR B 123 28.47 -10.37 16.69
C THR B 123 27.37 -9.43 17.18
N GLU B 124 27.43 -9.07 18.46
CA GLU B 124 26.36 -8.31 19.10
C GLU B 124 26.96 -7.35 20.11
N PRO B 125 27.20 -6.10 19.74
CA PRO B 125 27.59 -5.09 20.74
C PRO B 125 26.41 -4.72 21.62
N ASP B 126 26.42 -5.19 22.87
CA ASP B 126 25.26 -5.02 23.74
C ASP B 126 24.99 -3.55 24.04
N VAL B 127 26.03 -2.78 24.31
CA VAL B 127 25.86 -1.38 24.67
C VAL B 127 26.66 -0.43 23.80
N ALA B 128 27.69 -0.90 23.09
CA ALA B 128 28.47 -0.02 22.23
C ALA B 128 27.67 0.47 21.02
N THR B 129 26.53 -0.17 20.72
CA THR B 129 25.70 0.22 19.60
C THR B 129 24.24 0.46 19.97
N CYS B 130 23.76 -0.06 21.09
CA CYS B 130 22.37 0.11 21.50
C CYS B 130 22.28 1.29 22.45
N ARG B 131 22.18 2.49 21.86
CA ARG B 131 22.09 3.72 22.63
C ARG B 131 21.52 4.80 21.73
N PHE B 132 21.14 5.91 22.36
CA PHE B 132 20.47 7.00 21.65
C PHE B 132 21.49 7.88 20.93
N TYR B 133 21.27 8.08 19.63
CA TYR B 133 22.02 9.02 18.82
C TYR B 133 21.07 10.12 18.35
N THR B 134 21.52 11.37 18.46
CA THR B 134 20.72 12.52 18.10
C THR B 134 21.15 13.04 16.73
N LEU B 135 20.16 13.28 15.86
CA LEU B 135 20.42 13.78 14.53
C LEU B 135 20.47 15.31 14.55
N ASP B 136 20.60 15.90 13.37
CA ASP B 136 20.64 17.35 13.24
C ASP B 136 19.24 17.93 13.40
N THR B 137 19.16 19.05 14.13
CA THR B 137 17.88 19.71 14.35
C THR B 137 17.41 20.40 13.07
N VAL B 138 16.09 20.39 12.87
CA VAL B 138 15.48 21.06 11.73
C VAL B 138 14.57 22.17 12.26
N MET B 139 14.15 23.05 11.35
CA MET B 139 13.33 24.20 11.69
C MET B 139 11.97 24.08 11.02
N TRP B 140 10.92 24.29 11.81
CA TRP B 140 9.54 24.25 11.35
C TRP B 140 8.99 25.67 11.33
N GLY B 141 8.47 26.08 10.17
CA GLY B 141 7.89 27.39 10.00
C GLY B 141 6.51 27.34 9.38
N LYS B 142 6.10 28.42 8.74
CA LYS B 142 4.77 28.51 8.14
C LYS B 142 4.71 27.95 6.72
N GLU B 143 5.86 27.64 6.11
CA GLU B 143 5.90 27.11 4.76
C GLU B 143 6.52 25.72 4.68
N SER B 144 6.92 25.13 5.79
CA SER B 144 7.48 23.78 5.77
C SER B 144 6.44 22.77 5.34
N LYS B 145 6.85 21.83 4.48
CA LYS B 145 5.94 20.83 3.93
C LYS B 145 6.21 19.43 4.43
N GLY B 146 7.30 19.19 5.16
CA GLY B 146 7.56 17.89 5.72
C GLY B 146 9.00 17.43 5.59
N TRP B 147 9.34 16.35 6.29
CA TRP B 147 10.69 15.79 6.26
C TRP B 147 10.59 14.28 6.27
N TRP B 148 11.63 13.62 5.75
CA TRP B 148 11.67 12.16 5.75
C TRP B 148 13.11 11.68 5.92
N TRP B 149 13.24 10.52 6.56
CA TRP B 149 14.51 9.85 6.77
C TRP B 149 14.34 8.37 6.49
N LYS B 150 15.46 7.69 6.22
CA LYS B 150 15.48 6.26 6.01
C LYS B 150 16.41 5.59 7.03
N LEU B 151 15.94 4.48 7.58
CA LEU B 151 16.72 3.67 8.50
C LEU B 151 16.95 2.28 7.91
N PRO B 152 18.17 1.72 8.06
CA PRO B 152 19.29 2.20 8.89
C PRO B 152 20.21 3.22 8.23
N ASP B 153 19.77 3.86 7.15
CA ASP B 153 20.65 4.78 6.43
C ASP B 153 21.08 5.95 7.30
N ALA B 154 20.16 6.50 8.10
CA ALA B 154 20.45 7.71 8.85
C ALA B 154 21.54 7.50 9.91
N LEU B 155 21.77 6.27 10.35
CA LEU B 155 22.75 5.98 11.39
C LEU B 155 24.04 5.39 10.85
N ARG B 156 24.32 5.55 9.55
CA ARG B 156 25.50 4.95 8.97
C ARG B 156 26.79 5.54 9.50
N ASP B 157 26.75 6.75 10.06
CA ASP B 157 27.95 7.40 10.56
C ASP B 157 27.81 7.74 12.04
N MET B 158 27.31 6.79 12.84
CA MET B 158 27.07 7.00 14.26
C MET B 158 27.87 5.97 15.06
N GLY B 159 29.04 6.38 15.53
CA GLY B 159 29.81 5.54 16.43
C GLY B 159 30.16 4.21 15.82
N LEU B 160 30.13 3.16 16.64
CA LEU B 160 30.51 1.82 16.21
C LEU B 160 29.39 1.11 15.47
N PHE B 161 28.16 1.63 15.50
CA PHE B 161 27.08 1.01 14.74
C PHE B 161 27.39 1.04 13.25
N GLY B 162 27.86 2.17 12.74
CA GLY B 162 28.24 2.25 11.35
C GLY B 162 29.42 1.37 11.01
N GLN B 163 30.40 1.30 11.92
CA GLN B 163 31.56 0.43 11.68
C GLN B 163 31.13 -1.02 11.57
N ASN B 164 30.25 -1.47 12.47
CA ASN B 164 29.73 -2.83 12.37
C ASN B 164 28.94 -3.02 11.09
N MET B 165 28.16 -2.01 10.68
CA MET B 165 27.42 -2.10 9.42
C MET B 165 28.37 -2.35 8.25
N TYR B 166 29.44 -1.58 8.17
CA TYR B 166 30.33 -1.63 7.02
C TYR B 166 31.40 -2.71 7.12
N TYR B 167 31.53 -3.36 8.27
CA TYR B 167 32.47 -4.47 8.43
C TYR B 167 31.80 -5.83 8.33
N HIS B 168 30.48 -5.89 8.11
CA HIS B 168 29.74 -7.13 8.05
C HIS B 168 28.84 -7.15 6.83
N TYR B 169 28.54 -8.35 6.35
CA TYR B 169 27.69 -8.53 5.18
C TYR B 169 26.21 -8.60 5.53
N LEU B 170 25.86 -9.05 6.73
CA LEU B 170 24.48 -9.20 7.15
C LEU B 170 24.27 -8.49 8.48
N GLY B 171 23.14 -7.80 8.61
CA GLY B 171 22.82 -7.08 9.82
C GLY B 171 21.33 -7.09 10.10
N ARG B 172 21.00 -6.87 11.37
CA ARG B 172 19.62 -6.87 11.84
C ARG B 172 19.53 -5.99 13.08
N SER B 173 18.40 -5.29 13.21
CA SER B 173 18.22 -4.42 14.37
C SER B 173 16.81 -3.85 14.38
N GLY B 174 16.32 -3.56 15.60
CA GLY B 174 15.14 -2.75 15.79
C GLY B 174 15.52 -1.35 16.26
N TYR B 175 14.50 -0.51 16.43
CA TYR B 175 14.74 0.91 16.69
C TYR B 175 13.76 1.45 17.72
N THR B 176 14.18 2.53 18.37
CA THR B 176 13.31 3.36 19.19
C THR B 176 13.50 4.81 18.76
N VAL B 177 12.43 5.42 18.26
CA VAL B 177 12.47 6.76 17.68
C VAL B 177 11.76 7.71 18.64
N HIS B 178 12.39 8.86 18.90
CA HIS B 178 11.87 9.88 19.80
C HIS B 178 11.95 11.23 19.10
N VAL B 179 10.81 11.89 18.96
CA VAL B 179 10.71 13.18 18.29
C VAL B 179 10.40 14.23 19.35
N GLN B 180 11.18 15.31 19.36
CA GLN B 180 11.05 16.38 20.34
C GLN B 180 10.74 17.69 19.64
N CYS B 181 9.73 18.39 20.16
CA CYS B 181 9.36 19.72 19.67
C CYS B 181 8.60 20.43 20.76
N ASN B 182 9.14 21.54 21.25
CA ASN B 182 8.56 22.28 22.36
C ASN B 182 8.15 23.67 21.90
N ALA B 183 7.05 24.16 22.48
CA ALA B 183 6.53 25.49 22.17
C ALA B 183 5.86 26.03 23.44
N SER B 184 5.11 27.12 23.28
CA SER B 184 4.40 27.75 24.38
C SER B 184 2.90 27.49 24.27
N LYS B 185 2.17 27.94 25.28
CA LYS B 185 0.72 27.77 25.30
C LYS B 185 0.03 28.63 24.27
N PHE B 186 0.69 29.66 23.75
CA PHE B 186 0.11 30.56 22.76
C PHE B 186 0.42 30.16 21.33
N HIS B 187 1.17 29.07 21.13
CA HIS B 187 1.38 28.51 19.81
C HIS B 187 0.30 27.50 19.49
N GLN B 188 0.20 27.15 18.21
CA GLN B 188 -0.74 26.11 17.78
C GLN B 188 -0.18 25.42 16.55
N GLY B 189 -0.47 24.13 16.44
CA GLY B 189 0.00 23.33 15.33
C GLY B 189 0.01 21.86 15.71
N ALA B 190 0.02 21.02 14.67
CA ALA B 190 0.00 19.58 14.86
C ALA B 190 0.94 18.91 13.87
N LEU B 191 1.73 17.96 14.36
CA LEU B 191 2.64 17.18 13.54
C LEU B 191 2.21 15.71 13.54
N GLY B 192 2.34 15.09 12.38
CA GLY B 192 2.12 13.66 12.25
C GLY B 192 3.40 12.94 11.92
N VAL B 193 3.75 11.96 12.75
CA VAL B 193 4.95 11.14 12.59
C VAL B 193 4.49 9.75 12.18
N PHE B 194 5.04 9.25 11.08
CA PHE B 194 4.65 7.96 10.52
C PHE B 194 5.88 7.10 10.31
N ALA B 195 5.80 5.84 10.74
CA ALA B 195 6.83 4.84 10.49
C ALA B 195 6.31 3.87 9.44
N ILE B 196 7.02 3.76 8.32
CA ILE B 196 6.56 3.05 7.14
C ILE B 196 7.54 1.93 6.83
N PRO B 197 7.09 0.68 6.74
CA PRO B 197 7.98 -0.38 6.25
C PRO B 197 8.06 -0.39 4.73
N GLU B 198 9.28 -0.54 4.22
CA GLU B 198 9.53 -0.55 2.78
C GLU B 198 8.98 0.72 2.14
N TYR B 199 9.50 1.86 2.59
CA TYR B 199 9.03 3.16 2.13
C TYR B 199 9.73 3.48 0.83
N CYS B 200 9.04 3.25 -0.28
CA CYS B 200 9.57 3.50 -1.62
C CYS B 200 8.98 4.80 -2.15
N LEU B 201 9.85 5.69 -2.62
CA LEU B 201 9.47 7.01 -3.10
C LEU B 201 9.55 7.08 -4.62
N ALA B 202 8.86 8.07 -5.17
CA ALA B 202 8.76 8.26 -6.61
C ALA B 202 9.90 9.18 -7.10
N GLY B 203 10.18 9.07 -8.40
CA GLY B 203 11.23 9.83 -9.02
C GLY B 203 10.78 11.20 -9.48
N ASP B 204 11.61 11.81 -10.33
CA ASP B 204 11.37 13.16 -10.83
C ASP B 204 11.59 13.24 -12.34
N SER B 205 11.37 12.15 -13.06
CA SER B 205 11.62 12.12 -14.48
C SER B 205 10.71 11.08 -15.13
N ASP B 206 10.61 11.17 -16.46
CA ASP B 206 9.82 10.18 -17.19
C ASP B 206 10.41 8.78 -17.05
N LYS B 207 11.73 8.67 -16.99
CA LYS B 207 12.34 7.36 -16.79
C LYS B 207 11.94 6.78 -15.45
N GLN B 208 11.76 5.47 -15.41
CA GLN B 208 11.21 4.77 -14.27
C GLN B 208 12.32 4.07 -13.49
N ARG B 209 12.27 4.21 -12.16
CA ARG B 209 13.24 3.58 -11.27
C ARG B 209 14.67 3.98 -11.64
N TYR B 210 14.86 5.26 -11.97
CA TYR B 210 16.14 5.78 -12.40
C TYR B 210 16.87 6.55 -11.30
N THR B 211 16.32 6.59 -10.10
CA THR B 211 16.98 7.31 -9.00
C THR B 211 18.28 6.61 -8.63
N SER B 212 19.27 7.42 -8.24
CA SER B 212 20.60 6.93 -7.93
C SER B 212 20.72 6.55 -6.46
N TYR B 213 21.75 5.75 -6.17
CA TYR B 213 21.98 5.31 -4.80
C TYR B 213 22.30 6.49 -3.89
N ALA B 214 23.14 7.42 -4.37
CA ALA B 214 23.55 8.55 -3.54
C ALA B 214 22.36 9.41 -3.16
N ASN B 215 21.48 9.69 -4.11
CA ASN B 215 20.32 10.53 -3.83
C ASN B 215 19.27 9.83 -2.99
N ALA B 216 19.21 8.49 -3.06
CA ALA B 216 18.24 7.72 -2.30
C ALA B 216 18.70 7.44 -0.87
N ASN B 217 19.92 7.80 -0.52
CA ASN B 217 20.47 7.57 0.82
C ASN B 217 21.08 8.88 1.33
N PRO B 218 20.23 9.88 1.61
CA PRO B 218 20.77 11.17 2.07
C PRO B 218 21.55 11.09 3.37
N GLY B 219 21.16 10.19 4.28
CA GLY B 219 21.83 10.05 5.55
C GLY B 219 21.19 10.84 6.67
N GLU B 220 22.02 11.49 7.49
CA GLU B 220 21.51 12.22 8.65
C GLU B 220 20.64 13.39 8.21
N LYS B 221 21.04 14.10 7.16
CA LYS B 221 20.30 15.30 6.75
C LYS B 221 18.88 14.96 6.34
N GLY B 222 18.69 13.87 5.61
CA GLY B 222 17.38 13.50 5.14
C GLY B 222 16.92 14.33 3.96
N GLY B 223 15.62 14.26 3.70
CA GLY B 223 15.02 14.98 2.59
C GLY B 223 13.79 15.77 2.99
N LYS B 224 13.11 16.35 2.01
CA LYS B 224 11.94 17.18 2.25
C LYS B 224 10.86 16.87 1.23
N PHE B 225 9.62 17.19 1.59
CA PHE B 225 8.48 17.02 0.72
C PHE B 225 8.23 18.29 -0.09
N TYR B 226 7.33 18.18 -1.08
CA TYR B 226 6.97 19.30 -1.93
C TYR B 226 5.46 19.29 -2.13
N SER B 227 4.93 20.46 -2.48
CA SER B 227 3.50 20.63 -2.70
C SER B 227 3.08 20.35 -4.14
N GLN B 228 4.02 20.10 -5.04
CA GLN B 228 3.69 19.85 -6.44
C GLN B 228 4.79 19.00 -7.06
N PHE B 229 4.47 18.41 -8.20
CA PHE B 229 5.41 17.55 -8.93
C PHE B 229 6.18 18.41 -9.93
N ASN B 230 7.49 18.53 -9.72
CA ASN B 230 8.36 19.31 -10.59
C ASN B 230 9.18 18.33 -11.43
N ARG B 231 8.77 18.15 -12.68
CA ARG B 231 9.49 17.26 -13.58
C ARG B 231 10.86 17.83 -13.91
N ASP B 232 11.87 16.95 -13.93
CA ASP B 232 13.24 17.34 -14.28
C ASP B 232 13.38 17.23 -15.79
N THR B 233 13.17 18.36 -16.47
CA THR B 233 13.26 18.40 -17.93
C THR B 233 14.68 18.77 -18.34
N ALA B 234 15.57 17.78 -18.19
CA ALA B 234 16.98 17.96 -18.55
C ALA B 234 17.53 16.58 -18.90
N VAL B 235 17.61 16.30 -20.21
CA VAL B 235 18.18 15.03 -20.66
C VAL B 235 19.70 15.08 -20.73
N THR B 236 20.31 16.27 -20.76
CA THR B 236 21.75 16.37 -20.83
C THR B 236 22.41 15.80 -19.58
N SER B 237 21.92 16.19 -18.42
CA SER B 237 22.48 15.76 -17.13
C SER B 237 21.34 15.56 -16.15
N PRO B 238 20.64 14.42 -16.22
CA PRO B 238 19.53 14.18 -15.30
C PRO B 238 19.99 14.18 -13.85
N LYS B 239 19.14 14.74 -12.98
CA LYS B 239 19.48 14.80 -11.56
C LYS B 239 19.34 13.44 -10.88
N ARG B 240 18.31 12.68 -11.26
CA ARG B 240 18.04 11.37 -10.66
C ARG B 240 17.77 11.51 -9.15
N GLU B 241 16.74 12.29 -8.84
CA GLU B 241 16.37 12.58 -7.46
C GLU B 241 14.88 12.30 -7.26
N PHE B 242 14.52 12.06 -6.01
CA PHE B 242 13.12 11.87 -5.65
C PHE B 242 12.36 13.18 -5.75
N CYS B 243 11.05 13.08 -5.99
CA CYS B 243 10.14 14.23 -5.99
C CYS B 243 8.88 13.87 -5.21
N PRO B 244 9.00 13.74 -3.89
CA PRO B 244 7.81 13.43 -3.08
C PRO B 244 6.81 14.57 -3.09
N VAL B 245 5.54 14.21 -2.95
CA VAL B 245 4.44 15.16 -2.88
C VAL B 245 3.71 14.95 -1.56
N ASP B 246 3.43 16.05 -0.86
CA ASP B 246 2.94 15.96 0.51
C ASP B 246 1.61 15.20 0.58
N TYR B 247 0.63 15.62 -0.22
CA TYR B 247 -0.70 15.03 -0.12
C TYR B 247 -0.78 13.65 -0.76
N LEU B 248 0.24 13.25 -1.53
CA LEU B 248 0.33 11.90 -2.06
C LEU B 248 1.30 11.03 -1.25
N LEU B 249 1.87 11.55 -0.17
CA LEU B 249 2.82 10.84 0.67
C LEU B 249 4.07 10.43 -0.08
N GLY B 250 4.29 10.95 -1.29
CA GLY B 250 5.46 10.61 -2.06
C GLY B 250 5.43 9.24 -2.70
N CYS B 251 4.31 8.53 -2.65
CA CYS B 251 4.24 7.19 -3.20
C CYS B 251 2.94 6.91 -3.94
N GLY B 252 2.12 7.93 -4.20
CA GLY B 252 0.89 7.74 -4.95
C GLY B 252 -0.32 7.32 -4.14
N VAL B 253 -0.30 7.53 -2.83
CA VAL B 253 -1.43 7.22 -1.97
C VAL B 253 -1.80 8.46 -1.18
N LEU B 254 -3.09 8.55 -0.83
CA LEU B 254 -3.57 9.72 -0.10
C LEU B 254 -3.01 9.75 1.30
N LEU B 255 -2.68 10.96 1.77
CA LEU B 255 -2.07 11.11 3.09
C LEU B 255 -3.03 10.71 4.19
N GLY B 256 -4.34 10.91 4.00
CA GLY B 256 -5.28 10.62 5.06
C GLY B 256 -5.26 9.18 5.52
N ASN B 257 -4.87 8.26 4.64
CA ASN B 257 -4.81 6.85 4.98
C ASN B 257 -3.46 6.44 5.55
N ALA B 258 -2.50 7.36 5.63
CA ALA B 258 -1.19 7.04 6.17
C ALA B 258 -1.27 6.59 7.62
N PHE B 259 -2.38 6.88 8.30
CA PHE B 259 -2.58 6.43 9.67
C PHE B 259 -2.70 4.91 9.77
N VAL B 260 -2.84 4.22 8.63
CA VAL B 260 -2.77 2.76 8.65
C VAL B 260 -1.41 2.30 9.18
N TYR B 261 -0.35 3.03 8.84
CA TYR B 261 0.97 2.73 9.37
C TYR B 261 1.05 3.12 10.84
N PRO B 262 2.03 2.58 11.58
CA PRO B 262 2.28 3.08 12.93
C PRO B 262 2.55 4.58 12.90
N HIS B 263 1.95 5.29 13.86
CA HIS B 263 1.91 6.74 13.79
C HIS B 263 1.79 7.35 15.18
N GLN B 264 2.14 8.62 15.26
CA GLN B 264 1.93 9.44 16.44
C GLN B 264 1.55 10.84 16.00
N ILE B 265 0.80 11.54 16.86
CA ILE B 265 0.40 12.92 16.62
C ILE B 265 0.93 13.77 17.76
N ILE B 266 1.67 14.82 17.43
CA ILE B 266 2.17 15.79 18.38
C ILE B 266 1.33 17.04 18.23
N ASN B 267 0.43 17.28 19.17
CA ASN B 267 -0.38 18.49 19.20
C ASN B 267 0.18 19.41 20.28
N LEU B 268 0.54 20.64 19.90
CA LEU B 268 1.26 21.53 20.80
C LEU B 268 0.43 21.90 22.02
N ARG B 269 -0.89 21.77 21.97
CA ARG B 269 -1.73 22.13 23.10
C ARG B 269 -1.86 21.00 24.12
N THR B 270 -1.36 19.81 23.82
CA THR B 270 -1.46 18.67 24.73
C THR B 270 -0.11 18.07 25.10
N ASN B 271 0.81 17.94 24.15
CA ASN B 271 2.09 17.28 24.39
C ASN B 271 3.17 17.97 23.57
N ASN B 272 4.41 17.51 23.75
CA ASN B 272 5.55 18.08 23.06
C ASN B 272 6.53 17.04 22.52
N SER B 273 6.22 15.75 22.63
CA SER B 273 7.14 14.72 22.19
C SER B 273 6.36 13.49 21.74
N ALA B 274 7.03 12.67 20.93
CA ALA B 274 6.44 11.42 20.43
C ALA B 274 7.48 10.32 20.53
N THR B 275 7.01 9.09 20.72
CA THR B 275 7.88 7.93 20.85
C THR B 275 7.27 6.74 20.12
N ILE B 276 8.09 6.03 19.37
CA ILE B 276 7.68 4.82 18.66
C ILE B 276 8.76 3.76 18.81
N VAL B 277 8.32 2.51 18.95
CA VAL B 277 9.22 1.36 19.04
C VAL B 277 8.96 0.48 17.83
N LEU B 278 10.01 0.25 17.04
CA LEU B 278 9.90 -0.47 15.78
C LEU B 278 10.67 -1.79 15.88
N PRO B 279 10.02 -2.94 15.70
CA PRO B 279 10.76 -4.19 15.60
C PRO B 279 11.37 -4.35 14.20
N TYR B 280 12.13 -5.43 14.03
CA TYR B 280 12.71 -5.73 12.73
C TYR B 280 11.65 -6.37 11.84
N VAL B 281 11.43 -5.77 10.67
CA VAL B 281 10.41 -6.23 9.72
C VAL B 281 11.08 -6.43 8.37
N ASN B 282 10.93 -7.63 7.81
CA ASN B 282 11.49 -7.96 6.51
C ASN B 282 11.03 -9.36 6.14
N ALA B 283 11.17 -9.70 4.87
CA ALA B 283 10.84 -11.03 4.38
C ALA B 283 11.91 -12.06 4.73
N MET B 284 13.04 -11.63 5.27
CA MET B 284 14.13 -12.51 5.65
C MET B 284 14.53 -12.24 7.08
N ALA B 285 15.05 -13.28 7.75
CA ALA B 285 15.46 -13.13 9.14
C ALA B 285 16.60 -12.12 9.28
N ILE B 286 17.48 -12.05 8.28
CA ILE B 286 18.61 -11.12 8.30
C ILE B 286 18.92 -10.74 6.87
N ASP B 287 19.39 -9.50 6.70
CA ASP B 287 19.64 -8.97 5.36
C ASP B 287 20.70 -7.87 5.45
N SER B 288 21.25 -7.53 4.29
CA SER B 288 22.27 -6.49 4.22
C SER B 288 21.70 -5.15 4.65
N MET B 289 22.50 -4.38 5.40
CA MET B 289 22.11 -3.07 5.88
C MET B 289 22.59 -1.93 4.98
N VAL B 290 23.30 -2.24 3.89
CA VAL B 290 23.89 -1.22 3.04
C VAL B 290 23.06 -0.97 1.79
N LYS B 291 22.54 -2.04 1.18
CA LYS B 291 21.77 -1.92 -0.06
C LYS B 291 20.27 -1.95 0.16
N HIS B 292 19.80 -2.07 1.40
CA HIS B 292 18.38 -2.15 1.69
C HIS B 292 18.07 -1.39 2.97
N ASN B 293 17.05 -0.55 2.93
CA ASN B 293 16.58 0.18 4.10
C ASN B 293 15.26 -0.41 4.56
N ASN B 294 15.19 -0.77 5.84
CA ASN B 294 14.03 -1.45 6.38
C ASN B 294 12.90 -0.51 6.79
N TRP B 295 13.22 0.71 7.25
CA TRP B 295 12.20 1.61 7.77
C TRP B 295 12.32 2.99 7.15
N GLY B 296 11.20 3.68 7.10
CA GLY B 296 11.18 5.09 6.75
C GLY B 296 10.39 5.88 7.78
N ILE B 297 10.89 7.08 8.07
CA ILE B 297 10.25 7.97 9.04
C ILE B 297 9.82 9.23 8.29
N ALA B 298 8.55 9.59 8.44
CA ALA B 298 8.00 10.76 7.76
C ALA B 298 7.32 11.67 8.79
N ILE B 299 7.65 12.96 8.75
CA ILE B 299 7.05 13.95 9.64
C ILE B 299 6.39 15.00 8.77
N LEU B 300 5.10 15.24 8.99
CA LEU B 300 4.36 16.21 8.18
C LEU B 300 3.49 17.10 9.06
N PRO B 301 3.42 18.40 8.75
CA PRO B 301 2.53 19.29 9.52
C PRO B 301 1.08 19.14 9.09
N LEU B 302 0.27 18.52 9.95
CA LEU B 302 -1.15 18.38 9.65
C LEU B 302 -1.88 19.71 9.77
N SER B 303 -1.47 20.56 10.71
CA SER B 303 -2.01 21.89 10.86
C SER B 303 -0.87 22.90 10.82
N PRO B 304 -1.05 24.03 10.15
CA PRO B 304 0.04 24.99 10.03
C PRO B 304 0.42 25.62 11.36
N LEU B 305 1.68 25.98 11.48
CA LEU B 305 2.18 26.64 12.69
C LEU B 305 1.73 28.09 12.73
N ASP B 306 1.40 28.56 13.93
CA ASP B 306 1.00 29.95 14.12
C ASP B 306 1.35 30.37 15.53
N PHE B 307 1.49 31.69 15.73
CA PHE B 307 1.84 32.23 17.03
C PHE B 307 1.31 33.66 17.11
N ALA B 308 0.33 33.88 17.98
CA ALA B 308 -0.26 35.20 18.21
C ALA B 308 -0.63 35.80 16.85
N GLN B 309 -0.25 37.04 16.55
CA GLN B 309 -0.49 37.66 15.25
C GLN B 309 0.82 37.99 14.57
N GLU B 310 1.81 37.09 14.71
CA GLU B 310 3.13 37.30 14.14
C GLU B 310 3.19 36.76 12.72
N SER B 311 3.95 37.45 11.87
CA SER B 311 4.05 37.07 10.47
C SER B 311 4.92 35.82 10.29
N SER B 312 6.03 35.74 11.03
CA SER B 312 6.99 34.65 10.89
C SER B 312 7.16 33.94 12.22
N VAL B 313 7.15 32.60 12.17
CA VAL B 313 7.35 31.76 13.34
C VAL B 313 8.22 30.59 12.95
N GLU B 314 9.22 30.27 13.78
CA GLU B 314 10.11 29.14 13.55
C GLU B 314 10.40 28.46 14.88
N ILE B 315 10.29 27.14 14.92
CA ILE B 315 10.66 26.39 16.12
C ILE B 315 11.43 25.15 15.74
N PRO B 316 12.28 24.67 16.64
CA PRO B 316 13.13 23.52 16.31
C PRO B 316 12.43 22.18 16.54
N ILE B 317 12.82 21.21 15.70
CA ILE B 317 12.39 19.83 15.83
C ILE B 317 13.65 18.96 15.87
N THR B 318 13.70 18.04 16.83
CA THR B 318 14.85 17.17 17.04
C THR B 318 14.41 15.72 17.00
N VAL B 319 15.30 14.85 16.51
CA VAL B 319 15.03 13.43 16.36
C VAL B 319 16.17 12.65 17.01
N THR B 320 15.82 11.65 17.83
CA THR B 320 16.79 10.81 18.51
C THR B 320 16.39 9.35 18.31
N ILE B 321 17.35 8.54 17.86
CA ILE B 321 17.07 7.15 17.50
C ILE B 321 18.03 6.24 18.24
N ALA B 322 17.51 5.14 18.77
CA ALA B 322 18.29 4.17 19.52
C ALA B 322 18.17 2.79 18.88
N PRO B 323 19.25 2.18 18.40
CA PRO B 323 19.18 0.79 17.98
C PRO B 323 18.92 -0.14 19.16
N MET B 324 18.26 -1.26 18.87
CA MET B 324 17.88 -2.23 19.89
C MET B 324 18.03 -3.63 19.32
N CYS B 325 18.65 -4.51 20.10
CA CYS B 325 18.81 -5.92 19.74
C CYS B 325 19.40 -6.06 18.33
N SER B 326 20.62 -5.57 18.19
CA SER B 326 21.30 -5.53 16.91
C SER B 326 22.27 -6.70 16.79
N GLU B 327 22.24 -7.37 15.64
CA GLU B 327 23.12 -8.49 15.35
C GLU B 327 23.80 -8.26 14.00
N PHE B 328 25.03 -8.76 13.89
CA PHE B 328 25.81 -8.66 12.65
C PHE B 328 26.50 -9.98 12.39
N ASN B 329 26.75 -10.25 11.11
CA ASN B 329 27.42 -11.48 10.71
C ASN B 329 28.06 -11.27 9.35
N GLY B 330 29.09 -12.08 9.06
CA GLY B 330 29.78 -11.99 7.80
C GLY B 330 30.92 -11.00 7.80
N LEU B 331 31.89 -11.20 8.71
CA LEU B 331 32.99 -10.26 8.87
C LEU B 331 33.99 -10.40 7.74
N ARG B 332 34.29 -9.28 7.09
CA ARG B 332 35.35 -9.22 6.08
C ARG B 332 35.89 -7.79 6.07
N ASN B 333 36.62 -7.44 5.02
CA ASN B 333 37.14 -6.09 4.88
C ASN B 333 35.99 -5.08 4.86
N VAL B 334 36.35 -3.81 5.02
CA VAL B 334 35.37 -2.75 5.22
C VAL B 334 34.81 -2.29 3.88
N THR B 335 33.54 -1.89 3.89
CA THR B 335 32.85 -1.38 2.71
C THR B 335 32.85 0.14 2.74
N ALA B 336 33.16 0.75 1.59
CA ALA B 336 33.26 2.20 1.47
C ALA B 336 32.43 2.67 0.28
N PRO B 337 31.14 2.91 0.48
CA PRO B 337 30.30 3.41 -0.61
C PRO B 337 30.74 4.80 -1.05
N LYS B 338 30.48 5.11 -2.32
CA LYS B 338 30.81 6.40 -2.91
C LYS B 338 29.59 7.31 -2.81
N PHE B 339 29.55 8.11 -1.76
CA PHE B 339 28.48 9.10 -1.58
C PHE B 339 28.95 10.42 -2.16
N GLN B 340 28.74 10.57 -3.47
CA GLN B 340 29.14 11.77 -4.19
C GLN B 340 30.67 11.94 -4.16
N GLY C 1 -15.94 -49.36 -19.17
CA GLY C 1 -15.71 -49.12 -17.72
C GLY C 1 -16.97 -48.73 -16.97
N LEU C 2 -16.81 -47.83 -16.00
CA LEU C 2 -17.94 -47.37 -15.21
C LEU C 2 -18.85 -46.48 -16.06
N PRO C 3 -20.13 -46.82 -16.23
CA PRO C 3 -21.03 -45.94 -16.97
C PRO C 3 -21.14 -44.57 -16.28
N VAL C 4 -21.20 -43.53 -17.11
CA VAL C 4 -21.33 -42.15 -16.62
C VAL C 4 -22.18 -41.36 -17.59
N LEU C 5 -22.81 -40.31 -17.08
CA LEU C 5 -23.65 -39.42 -17.86
C LEU C 5 -23.21 -37.99 -17.60
N ASN C 6 -22.94 -37.25 -18.68
CA ASN C 6 -22.46 -35.88 -18.56
C ASN C 6 -23.64 -34.93 -18.36
N THR C 7 -23.54 -34.08 -17.35
CA THR C 7 -24.59 -33.15 -16.99
C THR C 7 -24.30 -31.77 -17.55
N PRO C 8 -25.30 -30.88 -17.56
CA PRO C 8 -25.05 -29.51 -18.03
C PRO C 8 -24.00 -28.82 -17.18
N GLY C 9 -23.23 -27.95 -17.83
CA GLY C 9 -22.13 -27.25 -17.20
C GLY C 9 -20.78 -27.89 -17.41
N SER C 10 -20.71 -29.02 -18.12
CA SER C 10 -19.43 -29.68 -18.37
C SER C 10 -18.57 -28.85 -19.31
N ASN C 11 -17.26 -28.85 -19.05
CA ASN C 11 -16.28 -28.22 -19.91
C ASN C 11 -16.46 -26.69 -19.96
N GLN C 12 -16.97 -26.12 -18.88
CA GLN C 12 -17.07 -24.67 -18.73
C GLN C 12 -16.05 -24.20 -17.70
N TYR C 13 -15.68 -22.92 -17.79
CA TYR C 13 -14.74 -22.30 -16.87
C TYR C 13 -15.45 -21.19 -16.11
N LEU C 14 -15.72 -21.43 -14.84
CA LEU C 14 -16.26 -20.42 -13.93
C LEU C 14 -15.12 -19.89 -13.08
N THR C 15 -14.91 -18.57 -13.12
CA THR C 15 -13.76 -17.98 -12.44
C THR C 15 -13.85 -18.10 -10.92
N SER C 16 -15.03 -18.37 -10.38
CA SER C 16 -15.22 -18.52 -8.94
C SER C 16 -15.29 -19.97 -8.51
N ASP C 17 -14.94 -20.91 -9.38
CA ASP C 17 -15.00 -22.31 -9.03
C ASP C 17 -13.86 -22.68 -8.07
N ASN C 18 -13.97 -23.87 -7.48
CA ASN C 18 -12.97 -24.38 -6.54
C ASN C 18 -12.81 -25.87 -6.80
N TYR C 19 -11.85 -26.22 -7.66
CA TYR C 19 -11.56 -27.60 -8.00
C TYR C 19 -10.08 -27.88 -7.79
N GLN C 20 -9.70 -29.13 -8.03
CA GLN C 20 -8.31 -29.57 -7.93
C GLN C 20 -7.70 -29.66 -9.31
N SER C 21 -6.42 -29.33 -9.41
CA SER C 21 -5.69 -29.36 -10.66
C SER C 21 -4.31 -29.94 -10.43
N PRO C 22 -3.70 -30.55 -11.44
CA PRO C 22 -2.36 -31.13 -11.26
C PRO C 22 -1.31 -30.06 -11.03
N CYS C 23 -0.26 -30.45 -10.32
CA CYS C 23 0.87 -29.57 -10.01
C CYS C 23 1.97 -29.79 -11.03
N ALA C 24 2.48 -28.69 -11.60
CA ALA C 24 3.50 -28.76 -12.63
C ALA C 24 4.91 -28.90 -12.06
N ILE C 25 5.10 -28.72 -10.76
CA ILE C 25 6.42 -28.84 -10.14
C ILE C 25 6.31 -29.78 -8.95
N PRO C 26 6.21 -31.09 -9.16
CA PRO C 26 6.10 -32.01 -8.04
C PRO C 26 7.39 -32.11 -7.24
N GLU C 27 7.23 -32.49 -5.98
CA GLU C 27 8.35 -32.72 -5.06
C GLU C 27 9.15 -31.44 -4.79
N PHE C 28 8.48 -30.30 -4.77
CA PHE C 28 9.14 -29.04 -4.48
C PHE C 28 9.27 -28.84 -2.98
N ASP C 29 10.46 -28.40 -2.54
CA ASP C 29 10.74 -28.16 -1.13
C ASP C 29 10.46 -26.69 -0.83
N VAL C 30 9.29 -26.42 -0.26
CA VAL C 30 8.87 -25.05 -0.01
C VAL C 30 9.66 -24.47 1.16
N THR C 31 10.03 -23.20 1.03
CA THR C 31 10.73 -22.51 2.11
C THR C 31 9.78 -22.31 3.29
N PRO C 32 10.19 -22.66 4.52
CA PRO C 32 9.27 -22.53 5.65
C PRO C 32 9.01 -21.07 5.97
N PRO C 33 7.86 -20.75 6.54
CA PRO C 33 7.57 -19.36 6.91
C PRO C 33 8.18 -18.99 8.24
N ILE C 34 8.15 -17.68 8.52
CA ILE C 34 8.60 -17.12 9.79
C ILE C 34 7.50 -16.23 10.34
N ASP C 35 7.69 -15.80 11.59
CA ASP C 35 6.72 -14.95 12.27
C ASP C 35 7.06 -13.50 11.94
N ILE C 36 6.31 -12.91 11.01
CA ILE C 36 6.51 -11.53 10.59
C ILE C 36 5.44 -10.68 11.27
N PRO C 37 5.79 -9.57 11.91
CA PRO C 37 4.77 -8.71 12.52
C PRO C 37 3.81 -8.14 11.48
N GLY C 38 2.56 -7.92 11.90
CA GLY C 38 1.59 -7.26 11.07
C GLY C 38 0.72 -8.17 10.22
N GLU C 39 0.53 -9.41 10.63
CA GLU C 39 -0.32 -10.32 9.86
C GLU C 39 -1.78 -9.88 9.94
N VAL C 40 -2.49 -10.05 8.83
CA VAL C 40 -3.89 -9.67 8.71
C VAL C 40 -4.70 -10.91 8.38
N LYS C 41 -5.84 -11.07 9.07
CA LYS C 41 -6.72 -12.20 8.85
C LYS C 41 -8.02 -11.83 8.14
N ASN C 42 -8.46 -10.58 8.25
CA ASN C 42 -9.73 -10.16 7.66
C ASN C 42 -9.60 -8.72 7.17
N MET C 43 -10.30 -8.43 6.07
CA MET C 43 -10.26 -7.07 5.52
C MET C 43 -10.99 -6.08 6.42
N MET C 44 -11.98 -6.54 7.17
CA MET C 44 -12.69 -5.64 8.10
C MET C 44 -11.73 -5.03 9.11
N GLU C 45 -10.66 -5.75 9.45
CA GLU C 45 -9.67 -5.20 10.39
C GLU C 45 -9.08 -3.91 9.85
N LEU C 46 -8.99 -3.75 8.54
CA LEU C 46 -8.49 -2.52 7.97
C LEU C 46 -9.52 -1.40 8.05
N ALA C 47 -10.81 -1.74 8.00
CA ALA C 47 -11.86 -0.74 8.08
C ALA C 47 -12.08 -0.23 9.50
N GLU C 48 -11.55 -0.91 10.50
CA GLU C 48 -11.66 -0.47 11.89
C GLU C 48 -10.57 0.53 12.26
N ILE C 49 -9.67 0.86 11.35
CA ILE C 49 -8.58 1.80 11.61
C ILE C 49 -9.04 3.19 11.19
N ASP C 50 -8.90 4.16 12.10
CA ASP C 50 -9.30 5.53 11.81
C ASP C 50 -8.39 6.16 10.76
N THR C 51 -8.98 6.98 9.89
CA THR C 51 -8.24 7.70 8.88
C THR C 51 -8.89 9.06 8.67
N MET C 52 -8.09 10.03 8.24
CA MET C 52 -8.57 11.40 8.11
C MET C 52 -9.60 11.52 6.99
N ILE C 53 -10.50 12.47 7.15
CA ILE C 53 -11.59 12.72 6.21
C ILE C 53 -11.28 14.01 5.47
N PRO C 54 -11.26 14.00 4.12
CA PRO C 54 -11.11 15.27 3.38
C PRO C 54 -12.42 16.07 3.36
N LEU C 55 -12.70 16.71 4.48
CA LEU C 55 -13.98 17.41 4.64
C LEU C 55 -14.10 18.59 3.68
N ASN C 56 -13.03 19.37 3.53
CA ASN C 56 -13.08 20.60 2.74
C ASN C 56 -12.65 20.27 1.30
N LEU C 57 -13.64 20.02 0.44
CA LEU C 57 -13.40 19.68 -0.96
C LEU C 57 -13.76 20.85 -1.89
N GLU C 58 -13.47 22.08 -1.45
CA GLU C 58 -13.71 23.23 -2.28
C GLU C 58 -12.79 23.22 -3.50
N ASN C 59 -13.11 24.07 -4.47
CA ASN C 59 -12.42 24.03 -5.76
C ASN C 59 -10.93 24.32 -5.60
N THR C 60 -10.58 25.31 -4.78
CA THR C 60 -9.20 25.73 -4.62
C THR C 60 -8.46 24.96 -3.54
N LYS C 61 -9.15 24.12 -2.78
CA LYS C 61 -8.53 23.36 -1.69
C LYS C 61 -8.51 21.86 -1.91
N ARG C 62 -9.33 21.33 -2.83
CA ARG C 62 -9.34 19.90 -3.08
C ARG C 62 -8.02 19.47 -3.71
N ASN C 63 -7.64 18.22 -3.45
CA ASN C 63 -6.36 17.67 -3.91
C ASN C 63 -5.20 18.47 -3.34
N THR C 64 -5.30 18.81 -2.06
CA THR C 64 -4.29 19.59 -1.37
C THR C 64 -4.40 19.28 0.13
N MET C 65 -3.34 19.57 0.86
CA MET C 65 -3.33 19.30 2.29
C MET C 65 -4.48 20.00 2.99
N ASP C 66 -4.78 21.23 2.58
CA ASP C 66 -5.79 22.04 3.27
C ASP C 66 -7.17 21.41 3.21
N MET C 67 -7.39 20.45 2.31
CA MET C 67 -8.67 19.77 2.24
C MET C 67 -8.94 18.90 3.47
N TYR C 68 -7.93 18.67 4.31
CA TYR C 68 -8.12 17.89 5.53
C TYR C 68 -8.40 18.76 6.76
N ARG C 69 -8.51 20.07 6.58
CA ARG C 69 -8.63 21.02 7.69
C ARG C 69 -9.95 21.78 7.58
N VAL C 70 -10.62 21.96 8.71
CA VAL C 70 -11.83 22.77 8.80
C VAL C 70 -11.54 23.96 9.69
N THR C 71 -11.85 25.16 9.21
CA THR C 71 -11.50 26.38 9.91
C THR C 71 -12.51 26.71 11.00
N LEU C 72 -12.00 27.17 12.14
CA LEU C 72 -12.81 27.64 13.24
C LEU C 72 -12.29 29.02 13.68
N SER C 73 -13.22 29.87 14.10
CA SER C 73 -12.87 31.24 14.46
C SER C 73 -13.82 31.74 15.55
N ASP C 74 -13.38 32.81 16.22
CA ASP C 74 -14.17 33.44 17.27
C ASP C 74 -15.18 34.44 16.73
N SER C 75 -15.15 34.75 15.44
CA SER C 75 -16.05 35.72 14.84
C SER C 75 -16.96 35.08 13.80
N ALA C 76 -17.16 33.77 13.87
CA ALA C 76 -17.99 33.07 12.91
C ALA C 76 -19.47 33.26 13.23
N ASP C 77 -20.30 33.08 12.21
CA ASP C 77 -21.75 33.18 12.37
C ASP C 77 -22.23 32.00 13.20
N LEU C 78 -22.67 32.26 14.42
CA LEU C 78 -23.08 31.21 15.34
C LEU C 78 -24.36 30.50 14.90
N SER C 79 -25.12 31.08 13.97
CA SER C 79 -26.38 30.51 13.53
C SER C 79 -26.24 29.59 12.33
N GLN C 80 -25.04 29.44 11.77
CA GLN C 80 -24.83 28.61 10.60
C GLN C 80 -24.01 27.37 10.95
N PRO C 81 -24.24 26.26 10.26
CA PRO C 81 -23.48 25.04 10.56
C PRO C 81 -22.02 25.17 10.16
N ILE C 82 -21.17 24.40 10.86
CA ILE C 82 -19.75 24.36 10.55
C ILE C 82 -19.49 23.40 9.38
N LEU C 83 -20.02 22.19 9.48
CA LEU C 83 -19.88 21.21 8.41
C LEU C 83 -21.13 20.34 8.38
N CYS C 84 -21.40 19.77 7.21
CA CYS C 84 -22.56 18.91 7.01
C CYS C 84 -22.25 17.90 5.92
N PHE C 85 -22.67 16.65 6.13
CA PHE C 85 -22.52 15.63 5.10
C PHE C 85 -23.54 14.53 5.34
N SER C 86 -23.53 13.54 4.46
CA SER C 86 -24.49 12.44 4.49
C SER C 86 -23.79 11.14 4.87
N LEU C 87 -24.55 10.23 5.48
CA LEU C 87 -24.02 8.96 5.95
C LEU C 87 -24.02 7.94 4.81
N SER C 88 -23.12 8.17 3.85
CA SER C 88 -22.91 7.28 2.71
C SER C 88 -21.43 6.91 2.69
N PRO C 89 -21.02 5.88 3.42
CA PRO C 89 -19.58 5.61 3.57
C PRO C 89 -18.86 5.36 2.27
N ALA C 90 -19.54 4.85 1.25
CA ALA C 90 -18.89 4.44 0.01
C ALA C 90 -19.15 5.35 -1.17
N SER C 91 -20.25 6.10 -1.17
CA SER C 91 -20.61 6.94 -2.31
C SER C 91 -20.37 8.42 -2.08
N ASP C 92 -20.42 8.89 -0.84
CA ASP C 92 -20.16 10.29 -0.57
C ASP C 92 -18.71 10.62 -0.93
N PRO C 93 -18.46 11.69 -1.68
CA PRO C 93 -17.07 11.99 -2.05
C PRO C 93 -16.15 12.20 -0.87
N ARG C 94 -16.66 12.72 0.24
CA ARG C 94 -15.84 12.98 1.41
C ARG C 94 -15.52 11.72 2.20
N LEU C 95 -16.25 10.63 1.97
CA LEU C 95 -16.00 9.37 2.66
C LEU C 95 -15.59 8.24 1.73
N SER C 96 -15.79 8.38 0.41
CA SER C 96 -15.55 7.28 -0.51
C SER C 96 -14.09 6.88 -0.56
N HIS C 97 -13.18 7.85 -0.52
CA HIS C 97 -11.77 7.58 -0.70
C HIS C 97 -11.04 7.28 0.61
N THR C 98 -11.75 7.22 1.73
CA THR C 98 -11.13 6.77 2.97
C THR C 98 -10.90 5.27 2.91
N MET C 99 -10.13 4.77 3.87
CA MET C 99 -9.83 3.34 3.91
C MET C 99 -11.11 2.52 4.02
N LEU C 100 -12.04 2.95 4.88
CA LEU C 100 -13.34 2.31 4.96
C LEU C 100 -14.04 2.34 3.60
N GLY C 101 -14.05 3.50 2.95
CA GLY C 101 -14.68 3.60 1.65
C GLY C 101 -13.98 2.77 0.60
N GLU C 102 -12.64 2.75 0.62
CA GLU C 102 -11.91 1.93 -0.35
C GLU C 102 -12.25 0.46 -0.19
N VAL C 103 -12.32 -0.02 1.06
CA VAL C 103 -12.69 -1.41 1.29
C VAL C 103 -14.12 -1.67 0.85
N LEU C 104 -15.04 -0.74 1.16
CA LEU C 104 -16.44 -0.95 0.81
C LEU C 104 -16.66 -0.95 -0.70
N ASN C 105 -15.86 -0.20 -1.44
CA ASN C 105 -16.04 -0.14 -2.89
C ASN C 105 -15.76 -1.48 -3.57
N TYR C 106 -15.13 -2.42 -2.86
CA TYR C 106 -14.94 -3.76 -3.37
C TYR C 106 -16.10 -4.69 -3.03
N TYR C 107 -17.12 -4.20 -2.33
CA TYR C 107 -18.27 -4.99 -1.92
C TYR C 107 -19.55 -4.25 -2.27
N THR C 108 -20.65 -5.01 -2.30
CA THR C 108 -21.94 -4.47 -2.72
C THR C 108 -22.86 -4.13 -1.57
N HIS C 109 -22.81 -4.89 -0.47
CA HIS C 109 -23.69 -4.65 0.67
C HIS C 109 -22.86 -4.42 1.93
N TRP C 110 -23.35 -3.55 2.80
CA TRP C 110 -22.67 -3.24 4.05
C TRP C 110 -23.69 -3.09 5.17
N ALA C 111 -23.23 -3.33 6.39
CA ALA C 111 -24.05 -3.10 7.57
C ALA C 111 -23.14 -2.89 8.78
N GLY C 112 -23.65 -2.15 9.76
CA GLY C 112 -22.93 -1.91 11.00
C GLY C 112 -22.93 -0.48 11.46
N SER C 113 -22.38 -0.23 12.64
CA SER C 113 -22.28 1.10 13.21
C SER C 113 -20.94 1.75 12.82
N LEU C 114 -20.87 3.07 13.01
CA LEU C 114 -19.69 3.83 12.63
C LEU C 114 -19.23 4.68 13.81
N LYS C 115 -17.96 5.05 13.79
CA LYS C 115 -17.36 5.88 14.83
C LYS C 115 -16.68 7.07 14.16
N PHE C 116 -17.05 8.27 14.58
CA PHE C 116 -16.45 9.50 14.09
C PHE C 116 -15.68 10.18 15.21
N THR C 117 -14.53 10.73 14.88
CA THR C 117 -13.68 11.42 15.84
C THR C 117 -13.31 12.79 15.28
N PHE C 118 -13.28 13.78 16.16
CA PHE C 118 -12.92 15.15 15.78
C PHE C 118 -11.84 15.65 16.71
N LEU C 119 -10.77 16.19 16.13
CA LEU C 119 -9.60 16.66 16.86
C LEU C 119 -9.47 18.17 16.69
N PHE C 120 -9.27 18.86 17.81
CA PHE C 120 -9.13 20.31 17.85
C PHE C 120 -7.67 20.67 17.99
N CYS C 121 -7.18 21.52 17.09
CA CYS C 121 -5.77 21.85 16.98
C CYS C 121 -5.52 23.34 17.19
N GLY C 122 -6.18 23.91 18.21
CA GLY C 122 -5.96 25.28 18.60
C GLY C 122 -4.95 25.39 19.74
N SER C 123 -4.90 26.58 20.31
CA SER C 123 -4.01 26.83 21.44
C SER C 123 -4.67 26.39 22.74
N MET C 124 -3.84 26.21 23.77
CA MET C 124 -4.35 25.82 25.09
C MET C 124 -5.18 26.92 25.72
N MET C 125 -5.06 28.16 25.25
CA MET C 125 -5.81 29.28 25.80
C MET C 125 -7.19 29.46 25.19
N ALA C 126 -7.53 28.68 24.16
CA ALA C 126 -8.83 28.77 23.53
C ALA C 126 -9.84 27.86 24.22
N THR C 127 -11.09 28.31 24.23
CA THR C 127 -12.17 27.57 24.86
C THR C 127 -13.42 27.68 23.99
N GLY C 128 -14.32 26.71 24.13
CA GLY C 128 -15.56 26.72 23.40
C GLY C 128 -16.29 25.41 23.54
N LYS C 129 -17.51 25.39 23.00
CA LYS C 129 -18.37 24.21 23.02
C LYS C 129 -18.99 24.01 21.65
N ILE C 130 -19.14 22.75 21.26
CA ILE C 130 -19.64 22.37 19.95
C ILE C 130 -20.74 21.32 20.14
N LEU C 131 -21.63 21.25 19.15
CA LEU C 131 -22.69 20.25 19.11
C LEU C 131 -22.56 19.46 17.82
N VAL C 132 -22.43 18.14 17.94
CA VAL C 132 -22.30 17.24 16.79
C VAL C 132 -23.53 16.35 16.76
N ALA C 133 -24.26 16.37 15.65
CA ALA C 133 -25.57 15.75 15.58
C ALA C 133 -25.66 14.78 14.41
N TYR C 134 -26.37 13.68 14.63
CA TYR C 134 -26.77 12.73 13.60
C TYR C 134 -28.28 12.65 13.56
N ALA C 135 -28.83 12.68 12.35
CA ALA C 135 -30.27 12.61 12.12
C ALA C 135 -30.59 11.45 11.21
N PRO C 136 -31.44 10.50 11.62
CA PRO C 136 -31.85 9.42 10.72
C PRO C 136 -32.62 9.97 9.53
N PRO C 137 -32.72 9.21 8.45
CA PRO C 137 -33.36 9.71 7.23
C PRO C 137 -34.87 9.79 7.38
N GLY C 138 -35.49 10.54 6.48
CA GLY C 138 -36.94 10.63 6.42
C GLY C 138 -37.46 12.04 6.38
N ALA C 139 -36.77 12.96 7.06
CA ALA C 139 -37.23 14.34 7.20
C ALA C 139 -36.25 15.28 6.50
N GLN C 140 -36.53 16.57 6.60
CA GLN C 140 -35.68 17.58 5.99
C GLN C 140 -34.30 17.57 6.64
N PRO C 141 -33.23 17.69 5.86
CA PRO C 141 -31.90 17.83 6.47
C PRO C 141 -31.85 19.03 7.38
N PRO C 142 -31.26 18.91 8.57
CA PRO C 142 -31.25 20.03 9.50
C PRO C 142 -30.48 21.22 8.94
N THR C 143 -31.00 22.41 9.20
CA THR C 143 -30.37 23.66 8.80
C THR C 143 -30.09 24.59 9.97
N SER C 144 -30.51 24.22 11.18
CA SER C 144 -30.30 25.05 12.35
C SER C 144 -30.11 24.15 13.56
N ARG C 145 -29.53 24.72 14.62
CA ARG C 145 -29.28 23.94 15.82
C ARG C 145 -30.57 23.41 16.43
N LYS C 146 -31.66 24.17 16.34
CA LYS C 146 -32.93 23.73 16.92
C LYS C 146 -33.40 22.44 16.29
N GLU C 147 -33.27 22.32 14.96
CA GLU C 147 -33.66 21.09 14.29
C GLU C 147 -32.68 19.95 14.59
N ALA C 148 -31.39 20.27 14.66
CA ALA C 148 -30.38 19.23 14.85
C ALA C 148 -30.46 18.61 16.24
N MET C 149 -30.71 19.41 17.27
CA MET C 149 -30.72 18.91 18.64
C MET C 149 -31.86 17.92 18.91
N LEU C 150 -32.84 17.84 18.02
CA LEU C 150 -33.93 16.88 18.20
C LEU C 150 -33.49 15.45 17.88
N GLY C 151 -32.48 15.27 17.05
CA GLY C 151 -31.92 13.98 16.76
C GLY C 151 -30.82 13.61 17.74
N THR C 152 -30.05 12.58 17.38
CA THR C 152 -28.95 12.18 18.23
C THR C 152 -27.88 13.27 18.22
N HIS C 153 -27.29 13.55 19.37
CA HIS C 153 -26.32 14.63 19.43
C HIS C 153 -25.40 14.46 20.63
N VAL C 154 -24.24 15.11 20.52
CA VAL C 154 -23.22 15.11 21.57
C VAL C 154 -22.69 16.52 21.72
N ILE C 155 -22.43 16.93 22.96
CA ILE C 155 -21.89 18.25 23.27
C ILE C 155 -20.43 18.07 23.67
N TRP C 156 -19.55 18.84 23.05
CA TRP C 156 -18.11 18.68 23.16
C TRP C 156 -17.51 19.97 23.71
N ASP C 157 -16.70 19.85 24.77
CA ASP C 157 -16.02 20.98 25.38
C ASP C 157 -14.56 20.97 24.94
N LEU C 158 -14.17 22.01 24.20
CA LEU C 158 -12.81 22.06 23.67
C LEU C 158 -11.77 22.18 24.77
N GLY C 159 -12.04 23.01 25.78
CA GLY C 159 -11.03 23.27 26.79
C GLY C 159 -10.65 22.04 27.57
N LEU C 160 -11.64 21.28 28.04
CA LEU C 160 -11.35 20.09 28.84
C LEU C 160 -10.76 18.98 27.99
N GLN C 161 -11.29 18.77 26.79
CA GLN C 161 -10.86 17.68 25.92
C GLN C 161 -10.58 18.23 24.53
N SER C 162 -9.45 17.81 23.96
CA SER C 162 -9.07 18.23 22.62
C SER C 162 -9.61 17.30 21.53
N SER C 163 -10.20 16.17 21.89
CA SER C 163 -10.76 15.22 20.94
C SER C 163 -12.13 14.78 21.41
N CYS C 164 -13.01 14.53 20.45
CA CYS C 164 -14.36 14.04 20.73
C CYS C 164 -14.67 12.85 19.83
N THR C 165 -15.49 11.95 20.35
CA THR C 165 -15.92 10.76 19.63
C THR C 165 -17.43 10.63 19.68
N MET C 166 -18.03 10.30 18.53
CA MET C 166 -19.46 10.06 18.44
C MET C 166 -19.70 8.75 17.69
N VAL C 167 -20.54 7.90 18.25
CA VAL C 167 -20.87 6.61 17.66
C VAL C 167 -22.23 6.72 16.99
N VAL C 168 -22.27 6.47 15.69
CA VAL C 168 -23.52 6.41 14.94
C VAL C 168 -23.98 4.96 14.92
N PRO C 169 -25.07 4.62 15.59
CA PRO C 169 -25.51 3.22 15.64
C PRO C 169 -26.23 2.79 14.38
N TRP C 170 -26.42 1.48 14.25
CA TRP C 170 -27.08 0.90 13.10
C TRP C 170 -28.59 0.94 13.32
N ILE C 171 -29.28 1.75 12.52
CA ILE C 171 -30.74 1.85 12.57
C ILE C 171 -31.22 1.87 11.12
N SER C 172 -31.88 0.78 10.70
CA SER C 172 -32.28 0.64 9.31
C SER C 172 -33.50 -0.27 9.23
N ASN C 173 -34.22 -0.15 8.12
CA ASN C 173 -35.35 -1.03 7.86
C ASN C 173 -34.90 -2.34 7.22
N VAL C 174 -33.93 -2.27 6.32
CA VAL C 174 -33.37 -3.45 5.69
C VAL C 174 -32.18 -3.94 6.51
N THR C 175 -31.87 -5.23 6.36
CA THR C 175 -30.76 -5.82 7.10
C THR C 175 -29.41 -5.39 6.54
N TYR C 176 -29.35 -5.10 5.24
CA TYR C 176 -28.13 -4.64 4.60
C TYR C 176 -28.44 -3.42 3.73
N ARG C 177 -27.47 -2.52 3.64
CA ARG C 177 -27.56 -1.34 2.80
C ARG C 177 -26.60 -1.46 1.63
N GLN C 178 -26.99 -0.86 0.50
CA GLN C 178 -26.15 -0.84 -0.68
C GLN C 178 -25.02 0.16 -0.52
N THR C 179 -23.90 -0.12 -1.20
CA THR C 179 -22.75 0.77 -1.19
C THR C 179 -22.85 1.86 -2.24
N THR C 180 -23.92 1.89 -3.03
CA THR C 180 -24.15 2.91 -4.03
C THR C 180 -25.25 3.86 -3.56
N GLN C 181 -25.35 5.00 -4.24
CA GLN C 181 -26.37 5.98 -3.90
C GLN C 181 -27.75 5.44 -4.25
N ASP C 182 -28.65 5.47 -3.27
CA ASP C 182 -30.01 4.97 -3.47
C ASP C 182 -30.88 5.50 -2.34
N SER C 183 -32.02 6.11 -2.71
CA SER C 183 -32.89 6.70 -1.70
C SER C 183 -33.55 5.66 -0.83
N PHE C 184 -33.76 4.45 -1.35
CA PHE C 184 -34.42 3.41 -0.58
C PHE C 184 -33.57 2.90 0.57
N THR C 185 -32.25 3.19 0.56
CA THR C 185 -31.35 2.73 1.60
C THR C 185 -30.48 3.87 2.10
N GLU C 186 -31.02 5.09 2.15
CA GLU C 186 -30.28 6.23 2.68
C GLU C 186 -30.05 6.05 4.17
N GLY C 187 -28.96 6.65 4.67
CA GLY C 187 -28.51 6.41 6.02
C GLY C 187 -28.81 7.51 7.02
N GLY C 188 -28.84 8.75 6.56
CA GLY C 188 -29.10 9.89 7.41
C GLY C 188 -28.15 11.02 7.12
N TYR C 189 -28.00 11.92 8.10
CA TYR C 189 -27.20 13.12 7.93
C TYR C 189 -26.38 13.39 9.18
N ILE C 190 -25.23 14.02 8.98
CA ILE C 190 -24.32 14.43 10.05
C ILE C 190 -24.10 15.93 9.93
N SER C 191 -24.23 16.64 11.06
CA SER C 191 -24.10 18.09 11.09
C SER C 191 -23.35 18.52 12.34
N MET C 192 -22.82 19.75 12.30
CA MET C 192 -22.12 20.34 13.42
C MET C 192 -22.56 21.78 13.59
N PHE C 193 -22.61 22.23 14.84
CA PHE C 193 -23.03 23.60 15.16
C PHE C 193 -22.26 24.10 16.37
N TYR C 194 -22.24 25.42 16.53
CA TYR C 194 -21.67 26.04 17.71
C TYR C 194 -22.69 26.03 18.85
N GLN C 195 -22.35 25.37 19.95
CA GLN C 195 -23.15 25.49 21.16
C GLN C 195 -22.89 26.83 21.84
N THR C 196 -21.64 27.09 22.19
CA THR C 196 -21.13 28.41 22.51
C THR C 196 -20.12 28.80 21.44
N ARG C 197 -19.58 30.00 21.56
CA ARG C 197 -18.56 30.48 20.62
C ARG C 197 -17.17 30.21 21.17
N ILE C 198 -16.18 30.33 20.29
CA ILE C 198 -14.78 30.14 20.67
C ILE C 198 -14.25 31.44 21.23
N VAL C 199 -13.70 31.38 22.44
CA VAL C 199 -13.22 32.54 23.17
C VAL C 199 -11.71 32.40 23.35
N VAL C 200 -10.98 33.44 23.00
CA VAL C 200 -9.52 33.46 23.16
C VAL C 200 -9.11 34.75 23.85
N PRO C 201 -8.03 34.76 24.61
CA PRO C 201 -7.54 36.01 25.20
C PRO C 201 -6.68 36.78 24.21
N LEU C 202 -6.12 37.88 24.68
CA LEU C 202 -5.26 38.70 23.84
C LEU C 202 -3.93 37.99 23.59
N SER C 203 -3.25 38.43 22.53
CA SER C 203 -1.98 37.83 22.12
C SER C 203 -2.14 36.35 21.79
N THR C 204 -3.29 35.97 21.25
CA THR C 204 -3.58 34.60 20.90
C THR C 204 -4.18 34.55 19.50
N PRO C 205 -3.89 33.51 18.71
CA PRO C 205 -4.51 33.41 17.39
C PRO C 205 -6.03 33.30 17.51
N LYS C 206 -6.73 33.96 16.59
CA LYS C 206 -8.18 33.95 16.57
C LYS C 206 -8.75 32.90 15.61
N SER C 207 -7.92 32.27 14.80
CA SER C 207 -8.35 31.23 13.88
C SER C 207 -7.58 29.95 14.16
N MET C 208 -8.25 28.82 13.97
CA MET C 208 -7.68 27.52 14.26
C MET C 208 -8.25 26.48 13.30
N SER C 209 -7.70 25.28 13.36
CA SER C 209 -8.06 24.20 12.45
C SER C 209 -8.55 22.99 13.24
N MET C 210 -9.43 22.22 12.59
CA MET C 210 -10.00 21.01 13.15
C MET C 210 -9.90 19.88 12.14
N LEU C 211 -9.69 18.68 12.64
CA LEU C 211 -9.49 17.49 11.81
C LEU C 211 -10.54 16.44 12.16
N GLY C 212 -10.82 15.57 11.18
CA GLY C 212 -11.82 14.54 11.36
C GLY C 212 -11.31 13.17 10.94
N PHE C 213 -11.83 12.16 11.62
CA PHE C 213 -11.47 10.77 11.37
C PHE C 213 -12.74 9.91 11.44
N VAL C 214 -12.73 8.80 10.70
CA VAL C 214 -13.85 7.87 10.70
C VAL C 214 -13.32 6.44 10.76
N SER C 215 -14.11 5.56 11.36
CA SER C 215 -13.75 4.14 11.45
C SER C 215 -15.01 3.33 11.64
N ALA C 216 -14.86 2.01 11.49
CA ALA C 216 -15.94 1.06 11.72
C ALA C 216 -15.78 0.40 13.08
N CYS C 217 -16.86 -0.25 13.52
CA CYS C 217 -16.91 -0.93 14.80
C CYS C 217 -16.87 -2.45 14.60
N ASN C 218 -16.89 -3.18 15.72
CA ASN C 218 -16.79 -4.63 15.68
C ASN C 218 -18.04 -5.31 15.13
N ASP C 219 -19.13 -4.56 14.94
CA ASP C 219 -20.38 -5.11 14.42
C ASP C 219 -20.59 -4.74 12.96
N PHE C 220 -19.53 -4.73 12.17
CA PHE C 220 -19.58 -4.31 10.77
C PHE C 220 -19.34 -5.50 9.86
N SER C 221 -20.12 -5.56 8.77
CA SER C 221 -20.03 -6.68 7.84
C SER C 221 -20.30 -6.18 6.44
N VAL C 222 -19.77 -6.92 5.46
CA VAL C 222 -19.91 -6.61 4.04
C VAL C 222 -20.30 -7.89 3.30
N ARG C 223 -20.74 -7.71 2.05
CA ARG C 223 -21.31 -8.82 1.30
C ARG C 223 -21.22 -8.56 -0.20
N LEU C 224 -21.10 -9.65 -0.96
CA LEU C 224 -21.11 -9.67 -2.42
C LEU C 224 -19.97 -8.88 -3.05
N LEU C 225 -18.76 -9.41 -2.92
CA LEU C 225 -17.56 -8.86 -3.55
C LEU C 225 -17.83 -8.41 -4.98
N ARG C 226 -17.21 -7.28 -5.35
CA ARG C 226 -17.32 -6.75 -6.71
C ARG C 226 -16.12 -5.84 -6.98
N ASP C 227 -15.92 -5.54 -8.26
CA ASP C 227 -14.81 -4.70 -8.68
C ASP C 227 -15.09 -3.23 -8.38
N THR C 228 -14.00 -2.47 -8.23
CA THR C 228 -14.06 -1.07 -7.85
C THR C 228 -13.92 -0.17 -9.07
N THR C 229 -14.31 1.09 -8.90
CA THR C 229 -14.25 2.10 -9.96
C THR C 229 -13.10 3.07 -9.75
N HIS C 230 -12.24 2.85 -8.76
CA HIS C 230 -11.17 3.78 -8.42
C HIS C 230 -9.88 3.52 -9.19
N ILE C 231 -9.83 2.47 -10.01
CA ILE C 231 -8.65 2.17 -10.82
C ILE C 231 -9.12 1.76 -12.21
N SER C 232 -8.41 2.25 -13.22
CA SER C 232 -8.75 1.97 -14.61
C SER C 232 -7.46 1.75 -15.41
N GLN C 233 -7.62 1.39 -16.68
CA GLN C 233 -6.49 1.13 -17.55
C GLN C 233 -6.92 1.36 -18.99
N SER C 234 -6.02 1.93 -19.79
CA SER C 234 -6.31 2.22 -21.19
C SER C 234 -5.43 1.47 -22.17
N ALA C 235 -4.24 1.02 -21.76
CA ALA C 235 -3.34 0.32 -22.66
C ALA C 235 -2.58 -0.74 -21.87
N LEU C 236 -2.21 -1.82 -22.55
CA LEU C 236 -1.42 -2.86 -21.90
C LEU C 236 0.07 -2.61 -22.14
N PRO C 237 0.93 -2.78 -21.11
CA PRO C 237 2.36 -2.58 -21.30
C PRO C 237 2.95 -3.41 -22.44
#